data_6RYB
#
_entry.id   6RYB
#
_cell.length_a   87.259
_cell.length_b   87.259
_cell.length_c   612.618
_cell.angle_alpha   90.00
_cell.angle_beta   90.00
_cell.angle_gamma   120.00
#
_symmetry.space_group_name_H-M   'P 61 2 2'
#
loop_
_entity.id
_entity.type
_entity.pdbx_description
1 polymer 'Septation initiation protein'
2 polymer 'Septation initiation protein'
3 polymer 'Septation initiation protein'
4 water water
#
loop_
_entity_poly.entity_id
_entity_poly.type
_entity_poly.pdbx_seq_one_letter_code
_entity_poly.pdbx_strand_id
1 'polypeptide(L)'
;SILDPEVLKVAEYVYQERLSKPYTEVGPEWEYNHKTPYATRATGTGHNLQRFITIDDQRLHRPIHGLAHTMRTLFYSQLM
YEAAKRQPHPHRCADGRTIADLSVQDLKKLNIAQLFFVAGRESEASYGDAYHRYHLYGAKQFEAYARKHLTHLFSEKEIV
LYSRCIEDRIGDRFDETAEGYLIHLSHMIDLMRCKSPVEVFIGHSRGVSGIVPTLIQLFGREDGLDIMHYARSLFAATGE
AVPYISSSEWPHLGIESDRVERALKIVGSLEVEGQEADAKKTAQAGFSVDGCYGALVKIDTPDWYHQVKEKEDYDVDEVI
ALPPQITIREEPPKTNESFLLSL
;
A
2 'polypeptide(L)'
;GSILDPEVLKVAEYVYQERLSKPYTEVGPEWEYNHKTPYATRATGTGHNLQRFITIDDQRLHRPIHGLAHTMRTLFYSQL
MYEAAKRQPHPHRCADGRTIADLSVQDLKKLNIAQLFFVAGRESEASYGDAYHRYHLYGAKQFEAYARKHLTHLFSEKEI
VLYSRCIEDRIGDRFDETAEGYLIHLSHMIDLMRCKSPVEVFIGHSRGVSGIVPTLIQLFGREDGLDIMHYARSLFAATG
EAVPYISSSEWPHLGIESDRVERALKIVGSLEVEGQEADAKKTAQAGFSVDGCYGALVKIDTPDWYHQVKEKEDYDVDEV
IALPPQITIREEPPKTNESFLLSL
;
B
3 'polypeptide(L)'
;GAMGSILDPEVLKVAEYVYQERLSKPYTEVGPEWEYNHKTPYATRATGTGHNLQRFITIDDQRLHRPIHGLAHTMRTLFY
SQLMYEAAKRQPHPHRCADGRTIADLSVQDLKKLNIAQLFFVAGRESEASYGDAYHRYHLYGAKQFEAYARKHLTHLFSE
KEIVLYSRCIEDRIGDRFDETAEGYLIHLSHMIDLMRCKSPVEVFIGHSRGVSGIVPTLIQLFGREDGLDIMHYARSLFA
ATGEAVPYISSSEWPHLGIESDRVERALKIVGSLEVEGQEADAKKTAQAGFSVDGCYGALVKIDTPDWYHQVKEKEDYDV
DEVIALPPQITIREEPPKTNESFLLSL
;
C
#
# COMPACT_ATOMS: atom_id res chain seq x y z
N SER A 1 16.77 -14.11 15.44
CA SER A 1 17.26 -15.48 15.60
C SER A 1 18.54 -15.50 16.47
N ILE A 2 19.28 -14.41 16.48
CA ILE A 2 20.50 -14.27 17.26
C ILE A 2 20.33 -13.06 18.17
N LEU A 3 20.99 -13.09 19.34
CA LEU A 3 20.98 -11.95 20.26
C LEU A 3 22.43 -11.56 20.56
N ASP A 4 22.66 -10.25 20.67
CA ASP A 4 23.98 -9.76 21.01
C ASP A 4 24.44 -10.36 22.34
N PRO A 5 25.74 -10.70 22.49
CA PRO A 5 26.18 -11.30 23.77
C PRO A 5 26.07 -10.37 24.96
N GLU A 6 26.16 -9.06 24.74
CA GLU A 6 25.93 -8.10 25.82
C GLU A 6 24.47 -8.07 26.25
N VAL A 7 23.54 -8.31 25.32
CA VAL A 7 22.14 -8.48 25.71
C VAL A 7 22.00 -9.68 26.62
N LEU A 8 22.76 -10.74 26.35
CA LEU A 8 22.70 -11.95 27.15
C LEU A 8 23.41 -11.80 28.50
N LYS A 9 24.44 -10.96 28.59
CA LYS A 9 25.02 -10.65 29.89
C LYS A 9 23.98 -10.00 30.80
N VAL A 10 23.27 -8.99 30.29
CA VAL A 10 22.20 -8.35 31.06
C VAL A 10 21.10 -9.34 31.38
N ALA A 11 20.80 -10.23 30.44
CA ALA A 11 19.83 -11.30 30.70
C ALA A 11 20.24 -12.15 31.91
N GLU A 12 21.53 -12.49 32.01
CA GLU A 12 21.98 -13.33 33.11
C GLU A 12 21.78 -12.61 34.44
N TYR A 13 22.12 -11.33 34.50
CA TYR A 13 21.90 -10.57 35.73
C TYR A 13 20.42 -10.50 36.08
N VAL A 14 19.57 -10.20 35.09
CA VAL A 14 18.14 -10.06 35.38
C VAL A 14 17.54 -11.38 35.86
N TYR A 15 18.04 -12.51 35.34
CA TYR A 15 17.53 -13.80 35.80
C TYR A 15 17.88 -14.04 37.26
N GLN A 16 19.16 -13.85 37.61
CA GLN A 16 19.63 -14.11 38.96
C GLN A 16 18.95 -13.19 39.97
N GLU A 17 18.87 -11.90 39.65
CA GLU A 17 18.39 -10.93 40.63
C GLU A 17 16.88 -10.83 40.68
N ARG A 18 16.16 -11.22 39.62
CA ARG A 18 14.73 -10.97 39.61
C ARG A 18 13.91 -12.14 39.05
N LEU A 19 14.18 -12.58 37.82
CA LEU A 19 13.26 -13.55 37.22
C LEU A 19 13.31 -14.93 37.88
N SER A 20 14.38 -15.28 38.60
CA SER A 20 14.42 -16.52 39.37
C SER A 20 13.89 -16.36 40.80
N LYS A 21 13.61 -15.13 41.25
CA LYS A 21 13.23 -14.89 42.64
C LYS A 21 11.75 -15.20 42.85
N PRO A 22 11.39 -15.72 44.02
CA PRO A 22 9.98 -15.99 44.28
C PRO A 22 9.15 -14.71 44.33
N TYR A 23 7.88 -14.85 44.02
CA TYR A 23 6.94 -13.78 44.27
C TYR A 23 6.82 -13.53 45.77
N THR A 24 6.79 -12.26 46.16
CA THR A 24 6.68 -11.97 47.58
C THR A 24 5.30 -11.46 47.99
N GLU A 25 4.54 -10.82 47.12
CA GLU A 25 3.21 -10.33 47.48
C GLU A 25 2.17 -11.44 47.35
N VAL A 26 2.41 -12.50 48.13
CA VAL A 26 1.68 -13.75 48.11
C VAL A 26 1.17 -14.03 49.52
N GLY A 27 0.42 -15.11 49.66
CA GLY A 27 0.01 -15.55 50.96
C GLY A 27 -1.31 -14.94 51.39
N PRO A 28 -1.68 -15.15 52.65
CA PRO A 28 -2.98 -14.67 53.12
C PRO A 28 -3.06 -13.15 53.19
N GLU A 29 -1.93 -12.46 53.42
CA GLU A 29 -1.94 -11.00 53.42
C GLU A 29 -2.50 -10.42 52.12
N TRP A 30 -2.53 -11.23 51.05
CA TRP A 30 -2.78 -10.74 49.70
C TRP A 30 -3.90 -11.51 49.00
N GLU A 31 -4.68 -12.30 49.73
CA GLU A 31 -5.90 -12.86 49.20
C GLU A 31 -6.89 -11.72 48.99
N TYR A 32 -7.86 -11.93 48.10
CA TYR A 32 -8.80 -10.86 47.80
C TYR A 32 -10.22 -11.39 47.82
N ASN A 33 -11.12 -10.62 48.43
CA ASN A 33 -12.52 -10.96 48.50
C ASN A 33 -13.30 -9.68 48.25
N HIS A 34 -14.01 -9.63 47.11
CA HIS A 34 -14.55 -8.38 46.59
C HIS A 34 -15.59 -7.72 47.49
N LYS A 35 -16.22 -8.46 48.39
CA LYS A 35 -17.21 -7.77 49.25
C LYS A 35 -16.56 -7.02 50.40
N THR A 36 -15.38 -7.47 50.87
CA THR A 36 -14.56 -6.66 51.77
C THR A 36 -13.29 -6.24 51.03
N PRO A 37 -13.39 -5.37 50.03
CA PRO A 37 -12.27 -5.18 49.10
C PRO A 37 -11.01 -4.59 49.74
N TYR A 38 -11.13 -4.00 50.94
CA TYR A 38 -10.00 -3.37 51.64
C TYR A 38 -9.57 -4.13 52.88
N ALA A 39 -10.11 -5.32 53.14
CA ALA A 39 -9.79 -6.06 54.34
C ALA A 39 -8.35 -6.58 54.33
N THR A 40 -7.72 -6.60 53.17
CA THR A 40 -6.37 -7.12 53.04
C THR A 40 -5.46 -6.12 52.33
N ARG A 41 -4.22 -6.53 52.04
CA ARG A 41 -3.33 -5.67 51.27
C ARG A 41 -3.62 -5.70 49.76
N ALA A 42 -4.29 -6.74 49.27
CA ALA A 42 -4.69 -6.82 47.86
C ALA A 42 -6.03 -6.11 47.65
N THR A 43 -6.13 -5.37 46.54
CA THR A 43 -7.41 -4.75 46.15
C THR A 43 -7.93 -5.32 44.84
N GLY A 44 -7.39 -6.44 44.39
CA GLY A 44 -7.94 -7.23 43.31
C GLY A 44 -7.35 -8.62 43.35
N THR A 45 -7.88 -9.47 42.47
CA THR A 45 -7.55 -10.89 42.48
C THR A 45 -6.17 -11.13 41.89
N GLY A 46 -5.65 -12.34 42.10
CA GLY A 46 -4.54 -12.86 41.32
C GLY A 46 -3.22 -12.99 42.04
N HIS A 47 -3.09 -12.47 43.27
CA HIS A 47 -1.79 -12.52 43.95
C HIS A 47 -1.32 -13.94 44.18
N ASN A 48 -2.25 -14.89 44.33
CA ASN A 48 -1.87 -16.26 44.69
C ASN A 48 -1.96 -17.24 43.51
N LEU A 49 -2.10 -16.75 42.27
CA LEU A 49 -2.13 -17.62 41.10
C LEU A 49 -0.72 -18.04 40.68
N GLN A 50 -0.64 -19.28 40.20
CA GLN A 50 0.58 -19.93 39.70
C GLN A 50 1.86 -19.24 40.17
N ARG A 51 2.05 -19.20 41.48
CA ARG A 51 3.27 -18.63 42.05
C ARG A 51 4.49 -19.43 41.65
N PHE A 52 4.35 -20.74 41.48
CA PHE A 52 5.46 -21.55 41.02
C PHE A 52 4.92 -22.89 40.54
N ILE A 53 5.76 -23.60 39.77
CA ILE A 53 5.54 -25.01 39.49
C ILE A 53 6.78 -25.76 39.97
N THR A 54 6.61 -27.06 40.19
CA THR A 54 7.70 -27.94 40.59
C THR A 54 7.94 -28.94 39.47
N ILE A 55 9.15 -28.93 38.91
CA ILE A 55 9.54 -29.82 37.83
C ILE A 55 10.71 -30.63 38.34
N ASP A 56 10.47 -31.93 38.61
CA ASP A 56 11.51 -32.87 39.04
C ASP A 56 12.13 -32.46 40.38
N ASP A 57 11.25 -32.06 41.31
CA ASP A 57 11.63 -31.43 42.58
C ASP A 57 12.75 -30.40 42.42
N GLN A 58 12.58 -29.54 41.43
CA GLN A 58 13.09 -28.18 41.45
C GLN A 58 11.87 -27.26 41.42
N ARG A 59 11.97 -26.14 42.14
CA ARG A 59 10.88 -25.18 42.20
C ARG A 59 11.14 -24.08 41.18
N LEU A 60 10.22 -23.91 40.23
CA LEU A 60 10.35 -22.90 39.18
C LEU A 60 9.37 -21.78 39.49
N HIS A 61 9.89 -20.66 39.96
CA HIS A 61 9.04 -19.57 40.40
C HIS A 61 8.59 -18.74 39.22
N ARG A 62 7.50 -17.98 39.44
CA ARG A 62 6.85 -17.11 38.47
C ARG A 62 6.84 -17.73 37.06
N PRO A 63 6.29 -18.94 36.89
CA PRO A 63 6.41 -19.63 35.60
C PRO A 63 5.72 -18.90 34.45
N ILE A 64 4.68 -18.11 34.74
CA ILE A 64 4.02 -17.35 33.69
C ILE A 64 4.88 -16.16 33.26
N HIS A 65 5.65 -15.57 34.18
CA HIS A 65 6.41 -14.37 33.85
C HIS A 65 7.90 -14.51 34.13
N GLY A 66 8.49 -15.62 33.70
CA GLY A 66 9.84 -15.98 34.04
C GLY A 66 10.82 -15.72 32.92
N LEU A 67 11.92 -16.47 32.91
CA LEU A 67 12.97 -16.29 31.93
C LEU A 67 12.46 -16.52 30.51
N ALA A 68 11.66 -17.57 30.32
CA ALA A 68 11.23 -17.96 28.97
C ALA A 68 10.27 -16.92 28.37
N HIS A 69 9.27 -16.52 29.16
CA HIS A 69 8.38 -15.44 28.71
C HIS A 69 9.16 -14.19 28.33
N THR A 70 10.15 -13.83 29.15
CA THR A 70 10.89 -12.61 28.90
C THR A 70 11.73 -12.73 27.63
N MET A 71 12.42 -13.86 27.46
CA MET A 71 13.29 -14.05 26.31
C MET A 71 12.52 -14.20 25.02
N ARG A 72 11.31 -14.81 25.05
CA ARG A 72 10.53 -14.91 23.83
C ARG A 72 10.23 -13.53 23.25
N THR A 73 9.88 -12.57 24.13
CA THR A 73 9.55 -11.23 23.65
C THR A 73 10.73 -10.57 22.93
N LEU A 74 11.97 -10.95 23.26
CA LEU A 74 13.10 -10.37 22.55
C LEU A 74 13.24 -10.95 21.14
N PHE A 75 12.87 -12.21 20.95
CA PHE A 75 12.80 -12.76 19.61
C PHE A 75 11.61 -12.18 18.84
N TYR A 76 10.53 -11.83 19.53
CA TYR A 76 9.40 -11.21 18.85
C TYR A 76 9.76 -9.83 18.31
N SER A 77 10.44 -9.02 19.11
CA SER A 77 10.81 -7.68 18.67
C SER A 77 11.82 -7.72 17.52
N GLN A 78 12.71 -8.72 17.49
CA GLN A 78 13.67 -8.80 16.40
C GLN A 78 12.99 -9.17 15.09
N LEU A 79 11.99 -10.06 15.15
CA LEU A 79 11.25 -10.47 13.95
C LEU A 79 10.37 -9.34 13.44
N MET A 80 9.60 -8.70 14.34
CA MET A 80 8.69 -7.62 13.96
C MET A 80 9.43 -6.36 13.51
N TYR A 81 10.69 -6.20 13.90
CA TYR A 81 11.50 -5.16 13.30
C TYR A 81 11.59 -5.35 11.78
N GLU A 82 11.89 -6.56 11.34
CA GLU A 82 11.96 -6.83 9.90
C GLU A 82 10.57 -6.78 9.27
N ALA A 83 9.56 -7.35 9.93
CA ALA A 83 8.21 -7.32 9.37
C ALA A 83 7.75 -5.88 9.13
N ALA A 84 8.06 -4.95 10.04
CA ALA A 84 7.60 -3.58 9.88
C ALA A 84 8.29 -2.89 8.71
N LYS A 85 9.55 -3.27 8.43
CA LYS A 85 10.34 -2.73 7.34
C LYS A 85 9.93 -3.30 5.99
N ARG A 86 9.07 -4.29 5.97
CA ARG A 86 8.53 -4.84 4.74
C ARG A 86 7.23 -4.15 4.35
N GLN A 87 6.79 -3.17 5.15
CA GLN A 87 5.51 -2.56 4.87
C GLN A 87 5.70 -1.22 4.15
N PRO A 88 4.81 -0.87 3.22
CA PRO A 88 4.90 0.47 2.62
C PRO A 88 4.50 1.57 3.58
N HIS A 89 3.53 1.31 4.47
CA HIS A 89 3.02 2.31 5.40
C HIS A 89 3.01 1.76 6.82
N PRO A 90 4.18 1.52 7.40
CA PRO A 90 4.22 1.06 8.79
C PRO A 90 3.53 2.07 9.70
N HIS A 91 2.81 1.57 10.70
CA HIS A 91 2.09 2.43 11.62
C HIS A 91 2.99 3.51 12.23
N ARG A 92 2.50 4.75 12.20
CA ARG A 92 3.24 5.88 12.76
C ARG A 92 2.79 6.12 14.20
N CYS A 93 3.76 6.36 15.09
CA CYS A 93 3.41 6.50 16.49
C CYS A 93 3.23 7.97 16.88
N ALA A 94 2.70 8.20 18.09
CA ALA A 94 2.42 9.57 18.55
C ALA A 94 3.66 10.45 18.50
N ASP A 95 4.84 9.88 18.37
CA ASP A 95 6.09 10.60 18.36
C ASP A 95 6.56 10.91 16.95
N GLY A 96 5.73 10.61 15.94
CA GLY A 96 6.10 10.84 14.57
C GLY A 96 6.82 9.72 13.88
N ARG A 97 7.21 8.68 14.59
CA ARG A 97 8.08 7.64 14.07
C ARG A 97 7.35 6.30 13.93
N THR A 98 7.94 5.40 13.12
CA THR A 98 7.48 4.02 12.94
C THR A 98 8.58 3.07 13.42
N ILE A 99 8.24 1.79 13.57
CA ILE A 99 9.24 0.77 13.90
C ILE A 99 10.35 0.73 12.85
N ALA A 100 10.03 1.06 11.60
CA ALA A 100 11.04 1.12 10.56
C ALA A 100 12.04 2.25 10.76
N ASP A 101 11.73 3.22 11.62
CA ASP A 101 12.70 4.25 11.95
C ASP A 101 13.74 3.80 12.98
N LEU A 102 13.55 2.68 13.65
CA LEU A 102 14.56 2.24 14.61
C LEU A 102 15.76 1.69 13.85
N SER A 103 16.95 1.99 14.37
CA SER A 103 18.19 1.44 13.88
C SER A 103 18.44 0.05 14.44
N VAL A 104 19.46 -0.60 13.90
CA VAL A 104 19.86 -1.90 14.41
C VAL A 104 20.40 -1.74 15.84
N GLN A 105 21.04 -0.60 16.14
CA GLN A 105 21.49 -0.31 17.49
C GLN A 105 20.31 -0.07 18.44
N ASP A 106 19.31 0.69 17.97
CA ASP A 106 18.10 0.91 18.78
C ASP A 106 17.50 -0.41 19.23
N LEU A 107 17.55 -1.43 18.36
CA LEU A 107 16.92 -2.70 18.69
C LEU A 107 17.74 -3.50 19.73
N LYS A 108 19.06 -3.32 19.76
CA LYS A 108 19.85 -3.86 20.87
C LYS A 108 19.42 -3.23 22.20
N LYS A 109 19.42 -1.90 22.27
CA LYS A 109 18.94 -1.23 23.47
C LYS A 109 17.51 -1.65 23.85
N LEU A 110 16.62 -1.74 22.85
CA LEU A 110 15.25 -2.12 23.16
C LEU A 110 15.18 -3.55 23.72
N ASN A 111 16.05 -4.43 23.22
CA ASN A 111 16.11 -5.80 23.74
C ASN A 111 16.48 -5.79 25.22
N ILE A 112 17.53 -5.03 25.57
CA ILE A 112 17.91 -4.84 26.97
C ILE A 112 16.73 -4.33 27.79
N ALA A 113 15.98 -3.35 27.29
CA ALA A 113 14.87 -2.83 28.09
C ALA A 113 13.77 -3.87 28.24
N GLN A 114 13.58 -4.74 27.24
CA GLN A 114 12.55 -5.77 27.37
C GLN A 114 12.88 -6.76 28.48
N LEU A 115 14.18 -6.92 28.83
CA LEU A 115 14.55 -7.83 29.91
C LEU A 115 13.91 -7.43 31.24
N PHE A 116 13.68 -6.14 31.44
CA PHE A 116 13.17 -5.61 32.69
C PHE A 116 11.66 -5.46 32.68
N PHE A 117 11.00 -5.75 31.56
CA PHE A 117 9.63 -5.28 31.36
C PHE A 117 8.68 -5.80 32.44
N VAL A 118 8.80 -7.07 32.81
CA VAL A 118 7.99 -7.64 33.89
C VAL A 118 8.87 -8.03 35.07
N ALA A 119 10.16 -7.66 35.04
CA ALA A 119 11.06 -8.03 36.13
C ALA A 119 10.67 -7.41 37.46
N GLY A 120 9.86 -6.36 37.47
CA GLY A 120 9.43 -5.82 38.74
C GLY A 120 8.22 -6.47 39.37
N ARG A 121 7.68 -7.55 38.79
CA ARG A 121 6.48 -8.18 39.32
C ARG A 121 6.75 -8.81 40.69
N GLU A 122 5.73 -8.78 41.55
CA GLU A 122 5.80 -9.44 42.84
C GLU A 122 4.70 -10.46 43.06
N SER A 123 3.76 -10.56 42.13
CA SER A 123 2.82 -11.65 42.03
C SER A 123 2.25 -11.65 40.61
N GLU A 124 1.28 -12.54 40.39
CA GLU A 124 0.47 -12.55 39.18
C GLU A 124 -0.76 -11.66 39.30
N ALA A 125 -0.76 -10.74 40.27
CA ALA A 125 -1.84 -9.78 40.39
C ALA A 125 -2.01 -9.03 39.06
N SER A 126 -3.26 -8.85 38.68
CA SER A 126 -3.64 -8.38 37.35
C SER A 126 -4.21 -6.96 37.33
N TYR A 127 -4.84 -6.54 38.42
CA TYR A 127 -5.62 -5.31 38.46
C TYR A 127 -4.73 -4.08 38.32
N GLY A 128 -5.37 -2.96 37.97
CA GLY A 128 -4.64 -1.81 37.47
C GLY A 128 -3.57 -1.30 38.42
N ASP A 129 -3.89 -1.28 39.71
CA ASP A 129 -2.98 -0.64 40.66
C ASP A 129 -1.73 -1.47 40.87
N ALA A 130 -1.86 -2.80 40.89
CA ALA A 130 -0.68 -3.65 41.00
C ALA A 130 0.16 -3.60 39.74
N TYR A 131 -0.51 -3.54 38.57
CA TYR A 131 0.20 -3.54 37.29
C TYR A 131 1.14 -2.33 37.20
N HIS A 132 0.62 -1.13 37.49
CA HIS A 132 1.43 0.06 37.35
C HIS A 132 2.54 0.13 38.39
N ARG A 133 2.31 -0.44 39.58
CA ARG A 133 3.37 -0.49 40.58
C ARG A 133 4.49 -1.43 40.15
N TYR A 134 4.14 -2.65 39.73
CA TYR A 134 5.17 -3.60 39.27
C TYR A 134 5.94 -3.07 38.08
N HIS A 135 5.32 -2.23 37.24
CA HIS A 135 6.07 -1.73 36.08
C HIS A 135 6.98 -0.58 36.46
N LEU A 136 6.50 0.30 37.35
CA LEU A 136 7.39 1.23 38.01
C LEU A 136 8.62 0.53 38.59
N TYR A 137 8.42 -0.61 39.27
CA TYR A 137 9.57 -1.31 39.85
C TYR A 137 10.53 -1.77 38.76
N GLY A 138 9.99 -2.34 37.68
CA GLY A 138 10.84 -2.72 36.56
C GLY A 138 11.57 -1.54 35.95
N ALA A 139 10.86 -0.41 35.77
CA ALA A 139 11.50 0.77 35.20
C ALA A 139 12.63 1.27 36.07
N LYS A 140 12.41 1.36 37.40
CA LYS A 140 13.48 1.78 38.32
C LYS A 140 14.66 0.81 38.28
N GLN A 141 14.39 -0.51 38.23
CA GLN A 141 15.52 -1.43 38.13
C GLN A 141 16.29 -1.23 36.83
N PHE A 142 15.57 -0.94 35.74
CA PHE A 142 16.25 -0.69 34.47
C PHE A 142 17.14 0.56 34.56
N GLU A 143 16.57 1.68 35.03
CA GLU A 143 17.35 2.91 35.17
C GLU A 143 18.63 2.64 35.96
N ALA A 144 18.50 1.98 37.11
CA ALA A 144 19.65 1.71 37.97
C ALA A 144 20.71 0.88 37.26
N TYR A 145 20.29 -0.23 36.63
CA TYR A 145 21.28 -1.06 35.93
C TYR A 145 21.92 -0.32 34.77
N ALA A 146 21.14 0.49 34.04
CA ALA A 146 21.66 1.11 32.82
C ALA A 146 22.59 2.27 33.15
N ARG A 147 22.24 3.06 34.16
CA ARG A 147 23.06 4.21 34.53
C ARG A 147 24.38 3.82 35.17
N LYS A 148 24.52 2.56 35.60
CA LYS A 148 25.76 2.06 36.18
C LYS A 148 26.61 1.26 35.21
N HIS A 149 25.99 0.44 34.36
CA HIS A 149 26.76 -0.44 33.48
C HIS A 149 26.64 -0.12 32.00
N LEU A 150 25.61 0.61 31.57
CA LEU A 150 25.28 0.73 30.16
C LEU A 150 25.31 2.17 29.63
N THR A 151 26.10 3.06 30.25
CA THR A 151 26.24 4.42 29.73
C THR A 151 27.11 4.49 28.47
N HIS A 152 27.96 3.49 28.25
CA HIS A 152 28.67 3.34 26.99
C HIS A 152 27.74 3.01 25.84
N LEU A 153 26.46 2.82 26.10
CA LEU A 153 25.51 2.32 25.12
C LEU A 153 24.28 3.22 25.13
N PHE A 154 23.74 3.49 26.31
CA PHE A 154 22.58 4.35 26.46
C PHE A 154 23.03 5.77 26.76
N SER A 155 22.53 6.72 26.00
CA SER A 155 22.60 8.09 26.44
C SER A 155 21.61 8.32 27.58
N GLU A 156 21.69 9.49 28.18
CA GLU A 156 20.78 9.80 29.27
C GLU A 156 19.34 9.91 28.77
N LYS A 157 19.14 10.44 27.57
CA LYS A 157 17.78 10.60 27.10
C LYS A 157 17.20 9.24 26.69
N GLU A 158 18.05 8.31 26.26
CA GLU A 158 17.59 6.96 25.96
C GLU A 158 17.23 6.19 27.22
N ILE A 159 17.96 6.40 28.32
CA ILE A 159 17.59 5.76 29.57
C ILE A 159 16.22 6.23 30.01
N VAL A 160 15.96 7.55 29.91
CA VAL A 160 14.66 8.10 30.26
C VAL A 160 13.57 7.51 29.35
N LEU A 161 13.87 7.35 28.06
CA LEU A 161 12.86 6.87 27.14
C LEU A 161 12.48 5.43 27.46
N TYR A 162 13.49 4.55 27.52
CA TYR A 162 13.21 3.13 27.70
C TYR A 162 12.63 2.85 29.08
N SER A 163 13.03 3.63 30.09
CA SER A 163 12.39 3.51 31.39
C SER A 163 10.93 3.96 31.32
N ARG A 164 10.64 5.05 30.62
CA ARG A 164 9.23 5.39 30.41
C ARG A 164 8.51 4.29 29.65
N CYS A 165 9.22 3.57 28.78
CA CYS A 165 8.58 2.46 28.07
C CYS A 165 8.22 1.35 29.03
N ILE A 166 9.18 0.92 29.86
CA ILE A 166 8.94 -0.14 30.83
C ILE A 166 7.85 0.27 31.82
N GLU A 167 7.84 1.54 32.23
CA GLU A 167 6.92 2.03 33.24
C GLU A 167 5.46 1.91 32.81
N ASP A 168 5.20 2.00 31.49
CA ASP A 168 3.85 2.07 30.93
C ASP A 168 3.01 3.08 31.70
N ARG A 169 3.47 4.32 31.59
CA ARG A 169 3.00 5.40 32.44
C ARG A 169 1.53 5.71 32.19
N ILE A 170 0.86 6.13 33.26
CA ILE A 170 -0.53 6.58 33.19
C ILE A 170 -0.70 7.65 32.12
N GLY A 171 -1.53 7.39 31.12
CA GLY A 171 -1.84 8.36 30.10
C GLY A 171 -1.01 8.24 28.83
N ASP A 172 -0.08 7.29 28.76
CA ASP A 172 0.68 7.05 27.55
C ASP A 172 -0.12 6.12 26.65
N ARG A 173 -0.12 6.40 25.35
CA ARG A 173 -0.81 5.50 24.44
C ARG A 173 0.02 4.24 24.24
N PHE A 174 -0.67 3.17 23.85
CA PHE A 174 -0.03 1.95 23.37
C PHE A 174 1.12 2.26 22.41
N ASP A 175 0.92 3.25 21.53
CA ASP A 175 1.89 3.66 20.52
C ASP A 175 2.41 5.07 20.79
N GLU A 176 2.64 5.42 22.06
CA GLU A 176 3.23 6.72 22.35
C GLU A 176 4.54 6.93 21.60
N THR A 177 5.29 5.85 21.41
CA THR A 177 6.68 5.88 21.00
C THR A 177 6.90 4.66 20.12
N ALA A 178 7.73 4.79 19.08
CA ALA A 178 8.03 3.60 18.27
C ALA A 178 8.67 2.52 19.13
N GLU A 179 9.60 2.90 20.01
CA GLU A 179 10.24 1.95 20.93
C GLU A 179 9.20 1.24 21.80
N GLY A 180 8.35 2.01 22.49
CA GLY A 180 7.38 1.41 23.39
C GLY A 180 6.33 0.61 22.66
N TYR A 181 6.04 0.99 21.41
CA TYR A 181 5.08 0.27 20.59
C TYR A 181 5.59 -1.13 20.28
N LEU A 182 6.84 -1.22 19.81
CA LEU A 182 7.41 -2.53 19.54
C LEU A 182 7.48 -3.36 20.81
N ILE A 183 7.62 -2.71 21.98
CA ILE A 183 7.71 -3.45 23.24
C ILE A 183 6.35 -3.97 23.65
N HIS A 184 5.31 -3.13 23.58
CA HIS A 184 3.97 -3.61 23.86
C HIS A 184 3.56 -4.72 22.90
N LEU A 185 3.93 -4.59 21.62
CA LEU A 185 3.57 -5.60 20.64
C LEU A 185 4.25 -6.93 20.94
N SER A 186 5.51 -6.90 21.37
CA SER A 186 6.18 -8.14 21.72
C SER A 186 5.52 -8.81 22.93
N HIS A 187 5.12 -8.01 23.92
CA HIS A 187 4.38 -8.55 25.04
C HIS A 187 3.06 -9.13 24.58
N MET A 188 2.37 -8.41 23.69
CA MET A 188 1.05 -8.82 23.21
C MET A 188 1.10 -10.22 22.59
N ILE A 189 2.08 -10.46 21.72
CA ILE A 189 2.21 -11.75 21.03
C ILE A 189 2.25 -12.89 22.04
N ASP A 190 2.98 -12.69 23.14
CA ASP A 190 3.16 -13.78 24.09
C ASP A 190 1.88 -14.10 24.84
N LEU A 191 0.95 -13.16 24.94
CA LEU A 191 -0.34 -13.44 25.56
C LEU A 191 -1.09 -14.60 24.90
N MET A 192 -0.72 -15.00 23.69
CA MET A 192 -1.41 -16.13 23.06
C MET A 192 -1.29 -17.39 23.91
N ARG A 193 -0.16 -17.55 24.64
CA ARG A 193 0.04 -18.76 25.44
C ARG A 193 -1.04 -18.96 26.47
N CYS A 194 -1.79 -17.91 26.87
CA CYS A 194 -2.70 -18.06 28.00
C CYS A 194 -4.04 -17.31 27.88
N LYS A 195 -4.37 -16.70 26.76
CA LYS A 195 -5.64 -15.99 26.64
C LYS A 195 -6.65 -16.81 25.84
N SER A 196 -7.93 -16.45 26.00
CA SER A 196 -9.01 -17.19 25.35
C SER A 196 -9.04 -16.86 23.86
N PRO A 197 -9.59 -17.77 23.05
CA PRO A 197 -9.80 -17.44 21.63
C PRO A 197 -10.42 -16.07 21.41
N VAL A 198 -11.32 -15.65 22.30
CA VAL A 198 -11.96 -14.34 22.17
C VAL A 198 -10.91 -13.24 22.19
N GLU A 199 -10.00 -13.27 23.17
CA GLU A 199 -8.97 -12.25 23.24
C GLU A 199 -7.98 -12.39 22.09
N VAL A 200 -7.70 -13.61 21.63
CA VAL A 200 -6.65 -13.79 20.63
C VAL A 200 -7.17 -13.44 19.23
N PHE A 201 -8.46 -13.60 18.96
CA PHE A 201 -8.94 -13.57 17.58
C PHE A 201 -10.08 -12.58 17.37
N ILE A 202 -10.87 -12.32 18.40
CA ILE A 202 -12.07 -11.51 18.25
C ILE A 202 -11.95 -10.15 18.92
N GLY A 203 -11.05 -10.00 19.89
CA GLY A 203 -11.00 -8.78 20.67
C GLY A 203 -12.03 -8.81 21.78
N HIS A 204 -11.58 -8.56 23.03
CA HIS A 204 -12.45 -8.68 24.19
C HIS A 204 -13.60 -7.68 24.19
N SER A 205 -13.62 -6.70 23.28
CA SER A 205 -14.70 -5.73 23.21
C SER A 205 -14.99 -5.43 21.73
N ARG A 206 -15.96 -4.54 21.50
CA ARG A 206 -16.32 -4.21 20.12
C ARG A 206 -15.24 -3.37 19.44
N GLY A 207 -14.61 -2.46 20.20
CA GLY A 207 -13.52 -1.67 19.65
C GLY A 207 -12.27 -2.48 19.43
N VAL A 208 -11.76 -3.12 20.49
CA VAL A 208 -10.54 -3.92 20.49
C VAL A 208 -10.54 -4.91 19.33
N SER A 209 -9.37 -5.16 18.76
CA SER A 209 -9.27 -5.97 17.56
C SER A 209 -8.85 -7.40 17.84
N GLY A 210 -8.14 -7.64 18.93
CA GLY A 210 -7.65 -9.00 19.10
C GLY A 210 -6.24 -9.15 18.62
N ILE A 211 -5.52 -10.08 19.26
CA ILE A 211 -4.07 -10.10 19.16
C ILE A 211 -3.64 -10.37 17.72
N VAL A 212 -4.19 -11.42 17.13
CA VAL A 212 -3.86 -11.87 15.78
C VAL A 212 -4.43 -10.95 14.71
N PRO A 213 -5.69 -10.46 14.82
CA PRO A 213 -6.10 -9.37 13.91
C PRO A 213 -5.17 -8.16 13.94
N THR A 214 -4.66 -7.81 15.13
CA THR A 214 -3.66 -6.74 15.22
C THR A 214 -2.41 -7.06 14.39
N LEU A 215 -1.91 -8.30 14.46
CA LEU A 215 -0.74 -8.65 13.66
C LEU A 215 -1.05 -8.59 12.16
N ILE A 216 -2.25 -9.01 11.78
CA ILE A 216 -2.63 -9.04 10.37
C ILE A 216 -2.79 -7.63 9.82
N GLN A 217 -3.47 -6.77 10.56
CA GLN A 217 -3.62 -5.37 10.15
C GLN A 217 -2.27 -4.64 10.10
N LEU A 218 -1.27 -5.06 10.87
CA LEU A 218 0.04 -4.38 10.81
C LEU A 218 0.98 -4.95 9.75
N PHE A 219 0.89 -6.25 9.47
CA PHE A 219 1.88 -6.90 8.63
C PHE A 219 1.25 -7.71 7.51
N GLY A 220 -0.07 -7.62 7.33
CA GLY A 220 -0.75 -8.42 6.33
C GLY A 220 -0.95 -9.86 6.78
N ARG A 221 -1.93 -10.55 6.21
CA ARG A 221 -2.18 -11.94 6.59
C ARG A 221 -0.93 -12.80 6.47
N GLU A 222 -0.16 -12.66 5.38
CA GLU A 222 0.96 -13.55 5.14
C GLU A 222 2.06 -13.39 6.20
N ASP A 223 2.62 -12.18 6.33
CA ASP A 223 3.62 -11.96 7.36
C ASP A 223 3.02 -12.12 8.76
N GLY A 224 1.81 -11.61 8.97
CA GLY A 224 1.22 -11.64 10.30
C GLY A 224 1.01 -13.05 10.83
N LEU A 225 0.38 -13.91 10.01
CA LEU A 225 0.22 -15.29 10.44
C LEU A 225 1.56 -16.03 10.49
N ASP A 226 2.53 -15.63 9.66
CA ASP A 226 3.88 -16.17 9.85
C ASP A 226 4.38 -15.90 11.26
N ILE A 227 4.16 -14.69 11.76
CA ILE A 227 4.64 -14.31 13.09
C ILE A 227 3.89 -15.10 14.15
N MET A 228 2.57 -15.23 14.00
CA MET A 228 1.75 -15.97 14.95
C MET A 228 2.17 -17.44 15.02
N HIS A 229 2.51 -18.05 13.88
CA HIS A 229 2.95 -19.44 13.91
C HIS A 229 4.33 -19.56 14.50
N TYR A 230 5.16 -18.54 14.32
CA TYR A 230 6.52 -18.57 14.86
C TYR A 230 6.50 -18.43 16.38
N ALA A 231 5.64 -17.57 16.92
CA ALA A 231 5.50 -17.48 18.37
C ALA A 231 4.95 -18.77 18.94
N ARG A 232 3.97 -19.39 18.26
CA ARG A 232 3.45 -20.67 18.73
C ARG A 232 4.54 -21.71 18.75
N SER A 233 5.47 -21.65 17.81
CA SER A 233 6.58 -22.58 17.85
C SER A 233 7.59 -22.21 18.92
N LEU A 234 7.63 -20.94 19.34
CA LEU A 234 8.51 -20.59 20.44
C LEU A 234 7.96 -21.12 21.76
N PHE A 235 6.63 -21.10 21.92
CA PHE A 235 5.99 -21.78 23.04
C PHE A 235 6.51 -23.22 23.15
N ALA A 236 6.31 -23.99 22.08
CA ALA A 236 6.68 -25.41 22.10
C ALA A 236 8.16 -25.60 22.37
N ALA A 237 9.02 -24.79 21.75
CA ALA A 237 10.45 -24.92 22.01
C ALA A 237 10.79 -24.73 23.49
N THR A 238 9.94 -24.03 24.25
CA THR A 238 10.15 -23.79 25.67
C THR A 238 9.12 -24.52 26.53
N GLY A 239 8.56 -25.60 26.02
CA GLY A 239 7.76 -26.53 26.80
C GLY A 239 6.36 -26.07 27.16
N GLU A 240 5.91 -24.91 26.73
CA GLU A 240 4.57 -24.48 27.12
C GLU A 240 3.52 -25.09 26.21
N ALA A 241 2.35 -25.31 26.77
CA ALA A 241 1.24 -25.80 25.98
C ALA A 241 0.97 -24.83 24.83
N VAL A 242 0.79 -25.38 23.63
CA VAL A 242 0.42 -24.60 22.46
C VAL A 242 -1.08 -24.80 22.24
N PRO A 243 -1.91 -23.78 22.45
CA PRO A 243 -3.36 -23.99 22.31
C PRO A 243 -3.74 -24.35 20.88
N TYR A 244 -4.85 -25.06 20.75
CA TYR A 244 -5.37 -25.28 19.42
C TYR A 244 -6.14 -24.05 18.98
N ILE A 245 -6.32 -23.90 17.67
CA ILE A 245 -7.14 -22.84 17.09
C ILE A 245 -8.24 -23.48 16.24
N SER A 246 -9.45 -22.95 16.34
CA SER A 246 -10.54 -23.44 15.50
C SER A 246 -11.51 -22.29 15.23
N SER A 247 -11.37 -21.65 14.05
CA SER A 247 -12.31 -20.59 13.69
C SER A 247 -13.74 -21.10 13.53
N SER A 248 -13.96 -22.42 13.54
CA SER A 248 -15.33 -22.94 13.59
C SER A 248 -16.00 -22.61 14.91
N GLU A 249 -15.24 -22.62 16.02
CA GLU A 249 -15.86 -22.43 17.32
C GLU A 249 -16.21 -20.99 17.60
N TRP A 250 -15.53 -20.03 16.97
CA TRP A 250 -15.74 -18.61 17.27
C TRP A 250 -17.20 -18.19 17.21
N PRO A 251 -18.04 -18.70 16.30
CA PRO A 251 -19.48 -18.33 16.35
C PRO A 251 -20.20 -18.87 17.57
N HIS A 252 -19.58 -19.73 18.36
CA HIS A 252 -20.21 -20.38 19.50
C HIS A 252 -19.62 -19.92 20.82
N LEU A 253 -18.90 -18.80 20.83
CA LEU A 253 -18.18 -18.34 22.00
C LEU A 253 -18.93 -17.29 22.80
N GLY A 254 -20.15 -16.93 22.39
CA GLY A 254 -20.94 -15.95 23.12
C GLY A 254 -20.89 -14.53 22.58
N ILE A 255 -20.21 -14.31 21.45
CA ILE A 255 -19.97 -12.98 20.89
C ILE A 255 -21.00 -12.69 19.81
N GLU A 256 -21.44 -11.44 19.74
CA GLU A 256 -22.31 -10.99 18.66
C GLU A 256 -21.77 -11.39 17.29
N SER A 257 -22.65 -11.90 16.43
CA SER A 257 -22.26 -12.35 15.08
C SER A 257 -21.55 -11.24 14.31
N ASP A 258 -21.86 -9.98 14.62
CA ASP A 258 -21.10 -8.81 14.21
C ASP A 258 -19.59 -9.05 14.31
N ARG A 259 -19.07 -9.11 15.54
CA ARG A 259 -17.62 -9.17 15.74
C ARG A 259 -17.00 -10.47 15.27
N VAL A 260 -17.76 -11.57 15.25
CA VAL A 260 -17.18 -12.81 14.75
C VAL A 260 -16.90 -12.71 13.25
N GLU A 261 -17.93 -12.41 12.43
CA GLU A 261 -17.73 -12.32 10.99
C GLU A 261 -16.59 -11.37 10.62
N ARG A 262 -16.47 -10.24 11.33
CA ARG A 262 -15.33 -9.36 11.13
C ARG A 262 -14.02 -10.07 11.44
N ALA A 263 -13.97 -10.79 12.57
CA ALA A 263 -12.76 -11.51 12.93
C ALA A 263 -12.43 -12.62 11.94
N LEU A 264 -13.45 -13.30 11.39
CA LEU A 264 -13.11 -14.34 10.42
C LEU A 264 -12.68 -13.71 9.11
N LYS A 265 -13.27 -12.57 8.71
CA LYS A 265 -12.83 -11.89 7.50
C LYS A 265 -11.36 -11.47 7.60
N ILE A 266 -11.00 -10.77 8.69
CA ILE A 266 -9.60 -10.38 8.90
C ILE A 266 -8.68 -11.61 8.87
N VAL A 267 -8.94 -12.58 9.75
CA VAL A 267 -7.97 -13.66 9.94
C VAL A 267 -8.06 -14.72 8.86
N GLY A 268 -9.26 -15.00 8.35
CA GLY A 268 -9.47 -16.16 7.51
C GLY A 268 -9.61 -17.42 8.36
N SER A 269 -10.11 -18.47 7.72
CA SER A 269 -10.34 -19.71 8.43
C SER A 269 -9.01 -20.29 8.93
N LEU A 270 -9.04 -20.82 10.16
CA LEU A 270 -7.85 -21.30 10.85
C LEU A 270 -8.25 -22.52 11.67
N GLU A 271 -7.66 -23.67 11.36
CA GLU A 271 -7.84 -24.86 12.18
C GLU A 271 -6.47 -25.48 12.29
N VAL A 272 -5.81 -25.26 13.44
CA VAL A 272 -4.49 -25.83 13.70
C VAL A 272 -4.53 -26.47 15.08
N GLU A 273 -3.94 -27.64 15.21
CA GLU A 273 -4.13 -28.42 16.43
C GLU A 273 -3.14 -27.98 17.52
N GLY A 274 -3.58 -28.19 18.77
CA GLY A 274 -2.75 -27.87 19.91
C GLY A 274 -1.62 -28.87 20.16
N GLN A 275 -0.79 -28.51 21.13
CA GLN A 275 0.32 -29.34 21.60
C GLN A 275 0.26 -29.32 23.12
N GLU A 276 0.80 -30.35 23.75
CA GLU A 276 0.77 -30.39 25.21
C GLU A 276 2.05 -29.81 25.79
N ALA A 277 1.95 -29.30 27.02
CA ALA A 277 3.13 -28.83 27.72
C ALA A 277 4.15 -29.95 27.87
N ASP A 278 5.39 -29.58 28.11
CA ASP A 278 6.48 -30.55 28.29
C ASP A 278 7.33 -30.08 29.46
N ALA A 279 7.32 -30.86 30.55
CA ALA A 279 7.95 -30.41 31.79
C ALA A 279 9.44 -30.20 31.60
N LYS A 280 10.10 -31.06 30.81
CA LYS A 280 11.56 -30.99 30.68
C LYS A 280 11.99 -29.76 29.87
N LYS A 281 11.30 -29.47 28.75
CA LYS A 281 11.62 -28.26 28.00
C LYS A 281 11.29 -27.01 28.80
N THR A 282 10.17 -27.03 29.51
CA THR A 282 9.87 -25.98 30.48
C THR A 282 11.03 -25.74 31.44
N ALA A 283 11.61 -26.81 31.98
CA ALA A 283 12.62 -26.62 33.02
C ALA A 283 13.92 -26.09 32.42
N GLN A 284 14.29 -26.56 31.22
CA GLN A 284 15.49 -26.04 30.58
C GLN A 284 15.32 -24.58 30.13
N ALA A 285 14.11 -24.20 29.70
CA ALA A 285 13.88 -22.81 29.38
C ALA A 285 13.97 -21.95 30.63
N GLY A 286 13.35 -22.41 31.73
CA GLY A 286 13.17 -21.55 32.91
C GLY A 286 14.38 -21.35 33.82
N PHE A 287 15.33 -22.30 33.82
CA PHE A 287 16.34 -22.32 34.89
C PHE A 287 17.71 -21.78 34.49
N SER A 288 17.96 -21.53 33.21
CA SER A 288 19.26 -21.00 32.78
C SER A 288 19.10 -20.14 31.54
N VAL A 289 19.90 -19.07 31.45
CA VAL A 289 19.90 -18.26 30.24
C VAL A 289 20.37 -19.08 29.05
N ASP A 290 21.52 -19.79 29.21
CA ASP A 290 22.00 -20.72 28.18
C ASP A 290 20.93 -21.73 27.78
N GLY A 291 20.13 -22.18 28.73
CA GLY A 291 19.10 -23.16 28.40
C GLY A 291 18.01 -22.57 27.53
N CYS A 292 17.47 -21.42 27.94
CA CYS A 292 16.41 -20.76 27.19
C CYS A 292 16.88 -20.34 25.80
N TYR A 293 18.01 -19.64 25.74
CA TYR A 293 18.50 -19.10 24.47
C TYR A 293 18.84 -20.22 23.50
N GLY A 294 19.50 -21.28 23.97
CA GLY A 294 19.77 -22.41 23.10
C GLY A 294 18.53 -23.08 22.55
N ALA A 295 17.45 -23.08 23.32
CA ALA A 295 16.21 -23.64 22.81
C ALA A 295 15.50 -22.71 21.83
N LEU A 296 15.83 -21.42 21.84
CA LEU A 296 15.15 -20.45 21.00
C LEU A 296 15.91 -20.13 19.71
N VAL A 297 17.25 -20.10 19.73
CA VAL A 297 17.99 -19.79 18.49
C VAL A 297 17.82 -20.87 17.44
N LYS A 298 17.48 -22.09 17.82
CA LYS A 298 17.46 -23.16 16.84
C LYS A 298 16.12 -23.29 16.15
N ILE A 299 15.11 -22.55 16.59
CA ILE A 299 13.82 -22.53 15.90
C ILE A 299 13.96 -21.69 14.63
N ASP A 300 13.50 -22.24 13.52
CA ASP A 300 13.58 -21.52 12.25
C ASP A 300 12.66 -20.32 12.26
N THR A 301 13.18 -19.24 11.73
CA THR A 301 12.45 -18.01 11.48
C THR A 301 11.83 -18.04 10.09
N PRO A 302 10.85 -17.17 9.81
CA PRO A 302 10.23 -17.16 8.49
C PRO A 302 11.25 -16.95 7.37
N ASP A 303 10.85 -17.38 6.17
CA ASP A 303 11.72 -17.35 5.00
C ASP A 303 12.18 -15.93 4.67
N TRP A 304 11.29 -14.95 4.84
CA TRP A 304 11.61 -13.58 4.51
C TRP A 304 12.53 -12.90 5.51
N TYR A 305 12.72 -13.48 6.69
CA TYR A 305 13.43 -12.81 7.77
C TYR A 305 14.93 -13.01 7.59
N HIS A 306 15.65 -11.92 7.37
CA HIS A 306 17.09 -11.95 7.24
C HIS A 306 17.62 -10.93 8.24
N GLN A 307 18.00 -11.42 9.42
CA GLN A 307 18.43 -10.55 10.51
C GLN A 307 19.73 -9.83 10.15
N VAL A 308 19.84 -8.57 10.54
CA VAL A 308 20.91 -7.72 10.03
C VAL A 308 22.22 -7.93 10.78
N LYS A 309 22.25 -7.78 12.11
CA LYS A 309 23.57 -7.60 12.75
C LYS A 309 24.42 -8.88 12.66
N GLY B 1 -38.02 4.43 1.45
CA GLY B 1 -36.70 4.94 1.77
C GLY B 1 -35.60 3.88 1.78
N SER B 2 -34.43 4.19 1.20
CA SER B 2 -33.28 3.28 1.21
C SER B 2 -32.08 3.92 1.90
N ILE B 3 -31.27 3.10 2.55
CA ILE B 3 -30.28 3.54 3.53
C ILE B 3 -28.89 3.12 3.06
N LEU B 4 -27.87 3.82 3.55
CA LEU B 4 -26.48 3.47 3.30
C LEU B 4 -25.71 3.36 4.62
N ASP B 5 -24.82 2.38 4.69
CA ASP B 5 -24.06 2.15 5.92
C ASP B 5 -23.22 3.38 6.26
N PRO B 6 -23.20 3.79 7.53
CA PRO B 6 -22.41 4.99 7.90
C PRO B 6 -20.95 4.92 7.51
N GLU B 7 -20.35 3.72 7.46
CA GLU B 7 -18.96 3.58 7.02
C GLU B 7 -18.82 3.72 5.51
N VAL B 8 -19.89 3.45 4.75
CA VAL B 8 -19.87 3.72 3.33
C VAL B 8 -19.93 5.22 3.08
N LEU B 9 -20.83 5.92 3.80
CA LEU B 9 -20.91 7.38 3.70
C LEU B 9 -19.63 8.05 4.17
N LYS B 10 -18.93 7.45 5.14
CA LYS B 10 -17.65 8.03 5.54
C LYS B 10 -16.64 7.93 4.39
N VAL B 11 -16.61 6.79 3.69
CA VAL B 11 -15.73 6.67 2.53
C VAL B 11 -16.23 7.57 1.39
N ALA B 12 -17.56 7.74 1.27
CA ALA B 12 -18.13 8.62 0.26
C ALA B 12 -17.64 10.05 0.46
N GLU B 13 -17.55 10.48 1.73
CA GLU B 13 -16.97 11.79 2.04
C GLU B 13 -15.51 11.87 1.60
N TYR B 14 -14.71 10.85 1.92
CA TYR B 14 -13.33 10.88 1.49
C TYR B 14 -13.22 10.96 -0.04
N VAL B 15 -14.12 10.32 -0.77
CA VAL B 15 -13.96 10.26 -2.21
C VAL B 15 -14.39 11.59 -2.85
N TYR B 16 -15.37 12.27 -2.26
CA TYR B 16 -15.71 13.62 -2.71
C TYR B 16 -14.54 14.58 -2.54
N GLN B 17 -14.00 14.68 -1.32
CA GLN B 17 -12.94 15.63 -1.05
C GLN B 17 -11.70 15.34 -1.88
N GLU B 18 -11.36 14.07 -2.06
CA GLU B 18 -10.08 13.73 -2.67
C GLU B 18 -10.13 13.59 -4.19
N ARG B 19 -11.30 13.26 -4.76
CA ARG B 19 -11.37 13.02 -6.20
C ARG B 19 -12.58 13.68 -6.84
N LEU B 20 -13.78 13.29 -6.42
CA LEU B 20 -14.99 13.68 -7.14
C LEU B 20 -15.22 15.20 -7.15
N SER B 21 -14.64 15.94 -6.22
CA SER B 21 -14.78 17.39 -6.27
C SER B 21 -13.63 18.07 -7.03
N LYS B 22 -12.54 17.35 -7.27
CA LYS B 22 -11.40 17.95 -7.97
C LYS B 22 -11.73 18.17 -9.44
N PRO B 23 -11.19 19.22 -10.05
CA PRO B 23 -11.43 19.44 -11.48
C PRO B 23 -10.71 18.40 -12.32
N TYR B 24 -11.20 18.20 -13.53
CA TYR B 24 -10.49 17.38 -14.49
C TYR B 24 -9.16 18.04 -14.84
N THR B 25 -8.12 17.22 -15.04
CA THR B 25 -6.79 17.73 -15.39
C THR B 25 -6.36 17.49 -16.83
N GLU B 26 -6.94 16.51 -17.52
CA GLU B 26 -6.59 16.30 -18.93
C GLU B 26 -7.58 17.10 -19.80
N VAL B 27 -7.40 18.43 -19.74
CA VAL B 27 -8.32 19.39 -20.32
C VAL B 27 -7.52 20.50 -21.01
N GLY B 28 -8.26 21.40 -21.64
CA GLY B 28 -7.67 22.57 -22.25
C GLY B 28 -7.04 22.24 -23.58
N PRO B 29 -6.28 23.19 -24.11
CA PRO B 29 -5.82 23.09 -25.50
C PRO B 29 -4.92 21.90 -25.78
N GLU B 30 -4.10 21.45 -24.81
CA GLU B 30 -3.20 20.33 -25.11
C GLU B 30 -3.94 18.98 -25.16
N TRP B 31 -5.23 18.97 -24.86
CA TRP B 31 -6.05 17.76 -24.93
C TRP B 31 -7.22 17.91 -25.91
N GLU B 32 -7.31 19.03 -26.62
CA GLU B 32 -8.28 19.16 -27.70
C GLU B 32 -7.93 18.18 -28.81
N TYR B 33 -8.93 17.64 -29.47
CA TYR B 33 -8.71 16.71 -30.58
C TYR B 33 -9.39 17.19 -31.86
N ASN B 34 -8.60 17.24 -32.92
CA ASN B 34 -9.07 17.53 -34.27
C ASN B 34 -8.79 16.30 -35.11
N HIS B 35 -9.84 15.66 -35.64
CA HIS B 35 -9.64 14.43 -36.41
C HIS B 35 -8.82 14.64 -37.67
N LYS B 36 -8.89 15.83 -38.27
CA LYS B 36 -8.08 16.10 -39.47
C LYS B 36 -6.59 16.12 -39.17
N THR B 37 -6.18 16.46 -37.93
CA THR B 37 -4.78 16.51 -37.51
C THR B 37 -4.61 15.55 -36.33
N PRO B 38 -4.52 14.25 -36.59
CA PRO B 38 -4.60 13.28 -35.48
C PRO B 38 -3.40 13.33 -34.50
N TYR B 39 -2.28 13.92 -34.87
CA TYR B 39 -1.11 13.93 -33.99
C TYR B 39 -0.75 15.33 -33.49
N ALA B 40 -1.74 16.22 -33.40
CA ALA B 40 -1.45 17.61 -33.05
C ALA B 40 -1.26 17.84 -31.55
N THR B 41 -1.98 17.11 -30.70
CA THR B 41 -2.02 17.36 -29.25
C THR B 41 -1.71 16.10 -28.46
N ARG B 42 -1.92 16.11 -27.14
CA ARG B 42 -1.75 14.91 -26.32
C ARG B 42 -2.94 13.95 -26.46
N ALA B 43 -4.11 14.46 -26.82
CA ALA B 43 -5.29 13.63 -26.96
C ALA B 43 -5.16 12.70 -28.16
N THR B 44 -5.60 11.44 -27.99
CA THR B 44 -5.77 10.53 -29.12
C THR B 44 -7.25 10.23 -29.33
N GLY B 45 -8.10 11.18 -28.96
CA GLY B 45 -9.52 11.04 -29.17
C GLY B 45 -10.24 12.27 -28.67
N THR B 46 -11.54 12.26 -28.88
CA THR B 46 -12.36 13.41 -28.59
C THR B 46 -12.93 13.32 -27.19
N GLY B 47 -13.36 14.46 -26.66
CA GLY B 47 -14.11 14.51 -25.43
C GLY B 47 -13.41 15.11 -24.25
N HIS B 48 -12.12 15.39 -24.32
CA HIS B 48 -11.40 15.85 -23.14
C HIS B 48 -11.97 17.15 -22.62
N ASN B 49 -12.58 17.96 -23.49
CA ASN B 49 -13.03 19.28 -23.08
C ASN B 49 -14.55 19.38 -22.98
N LEU B 50 -15.29 18.28 -23.14
CA LEU B 50 -16.74 18.30 -22.95
C LEU B 50 -17.07 18.40 -21.46
N GLN B 51 -17.97 19.33 -21.13
CA GLN B 51 -18.59 19.44 -19.81
C GLN B 51 -17.59 19.28 -18.66
N ARG B 52 -16.55 20.11 -18.68
CA ARG B 52 -15.60 20.12 -17.59
C ARG B 52 -16.25 20.53 -16.27
N PHE B 53 -17.24 21.44 -16.34
CA PHE B 53 -17.94 21.94 -15.16
C PHE B 53 -19.17 22.73 -15.61
N ILE B 54 -20.08 22.96 -14.66
CA ILE B 54 -21.18 23.90 -14.84
C ILE B 54 -21.12 24.87 -13.68
N THR B 55 -21.91 25.93 -13.79
CA THR B 55 -21.87 27.03 -12.83
C THR B 55 -23.28 27.24 -12.29
N ILE B 56 -23.42 27.08 -10.98
CA ILE B 56 -24.70 27.21 -10.29
C ILE B 56 -24.53 28.32 -9.27
N ASP B 57 -25.30 29.41 -9.43
CA ASP B 57 -25.25 30.52 -8.50
C ASP B 57 -23.79 30.94 -8.30
N ASP B 58 -23.09 31.12 -9.43
CA ASP B 58 -21.67 31.44 -9.47
C ASP B 58 -20.88 30.56 -8.51
N GLN B 59 -21.23 29.28 -8.43
CA GLN B 59 -20.37 28.27 -7.84
C GLN B 59 -20.05 27.28 -8.96
N ARG B 60 -18.77 26.90 -9.07
CA ARG B 60 -18.34 26.03 -10.15
C ARG B 60 -18.36 24.58 -9.68
N LEU B 61 -19.20 23.77 -10.32
CA LEU B 61 -19.40 22.36 -9.98
C LEU B 61 -18.68 21.52 -11.04
N HIS B 62 -17.52 21.01 -10.69
CA HIS B 62 -16.74 20.24 -11.64
C HIS B 62 -17.37 18.87 -11.91
N ARG B 63 -16.94 18.25 -13.03
CA ARG B 63 -17.30 16.93 -13.55
C ARG B 63 -18.77 16.61 -13.30
N PRO B 64 -19.71 17.46 -13.74
CA PRO B 64 -21.13 17.24 -13.36
C PRO B 64 -21.72 15.96 -13.90
N ILE B 65 -21.20 15.42 -15.01
CA ILE B 65 -21.76 14.17 -15.50
C ILE B 65 -21.27 12.99 -14.67
N HIS B 66 -20.08 13.08 -14.09
CA HIS B 66 -19.44 11.94 -13.43
C HIS B 66 -18.96 12.32 -12.04
N GLY B 67 -19.82 13.00 -11.28
CA GLY B 67 -19.49 13.49 -9.97
C GLY B 67 -20.29 12.78 -8.89
N LEU B 68 -20.35 13.42 -7.73
CA LEU B 68 -20.99 12.84 -6.56
C LEU B 68 -22.41 12.35 -6.85
N ALA B 69 -23.17 13.08 -7.67
CA ALA B 69 -24.59 12.70 -7.83
C ALA B 69 -24.73 11.43 -8.66
N HIS B 70 -23.96 11.30 -9.73
CA HIS B 70 -23.98 10.05 -10.49
C HIS B 70 -23.48 8.89 -9.64
N THR B 71 -22.38 9.11 -8.94
CA THR B 71 -21.74 8.03 -8.19
C THR B 71 -22.65 7.51 -7.08
N MET B 72 -23.16 8.42 -6.26
CA MET B 72 -24.08 8.00 -5.22
C MET B 72 -25.37 7.39 -5.77
N ARG B 73 -25.83 7.82 -6.93
CA ARG B 73 -27.02 7.17 -7.48
C ARG B 73 -26.76 5.70 -7.75
N THR B 74 -25.55 5.36 -8.23
CA THR B 74 -25.28 3.96 -8.57
C THR B 74 -25.31 3.08 -7.32
N LEU B 75 -24.96 3.64 -6.14
CA LEU B 75 -25.02 2.85 -4.91
C LEU B 75 -26.45 2.48 -4.57
N PHE B 76 -27.38 3.43 -4.75
CA PHE B 76 -28.78 3.14 -4.55
C PHE B 76 -29.30 2.11 -5.55
N TYR B 77 -28.77 2.10 -6.77
CA TYR B 77 -29.27 1.12 -7.75
C TYR B 77 -28.88 -0.30 -7.37
N SER B 78 -27.62 -0.50 -6.96
CA SER B 78 -27.17 -1.85 -6.59
C SER B 78 -27.90 -2.36 -5.37
N GLN B 79 -28.22 -1.48 -4.40
CA GLN B 79 -29.03 -1.91 -3.27
C GLN B 79 -30.38 -2.45 -3.73
N LEU B 80 -31.02 -1.76 -4.69
CA LEU B 80 -32.34 -2.17 -5.13
C LEU B 80 -32.27 -3.44 -5.99
N MET B 81 -31.24 -3.57 -6.81
CA MET B 81 -31.11 -4.73 -7.67
C MET B 81 -30.72 -5.98 -6.89
N TYR B 82 -30.06 -5.81 -5.75
CA TYR B 82 -29.77 -6.94 -4.85
C TYR B 82 -31.06 -7.63 -4.44
N GLU B 83 -31.96 -6.89 -3.78
CA GLU B 83 -33.27 -7.43 -3.45
C GLU B 83 -34.00 -7.95 -4.70
N ALA B 84 -33.81 -7.29 -5.84
CA ALA B 84 -34.55 -7.73 -7.03
C ALA B 84 -34.05 -9.08 -7.49
N ALA B 85 -32.75 -9.34 -7.34
CA ALA B 85 -32.20 -10.67 -7.66
C ALA B 85 -32.66 -11.71 -6.65
N LYS B 86 -32.80 -11.30 -5.39
CA LYS B 86 -33.33 -12.14 -4.34
C LYS B 86 -34.73 -12.67 -4.65
N ARG B 87 -35.42 -12.10 -5.64
CA ARG B 87 -36.79 -12.50 -5.97
C ARG B 87 -36.86 -13.38 -7.20
N GLN B 88 -35.76 -13.97 -7.62
CA GLN B 88 -35.85 -14.67 -8.90
C GLN B 88 -35.38 -16.11 -8.80
N PRO B 89 -36.09 -17.02 -9.48
CA PRO B 89 -35.74 -18.44 -9.38
C PRO B 89 -34.34 -18.77 -9.85
N HIS B 90 -33.99 -18.36 -11.07
CA HIS B 90 -32.67 -18.63 -11.66
C HIS B 90 -32.03 -17.32 -12.09
N PRO B 91 -31.63 -16.49 -11.13
CA PRO B 91 -30.95 -15.24 -11.48
C PRO B 91 -29.68 -15.54 -12.25
N HIS B 92 -29.28 -14.57 -13.08
CA HIS B 92 -28.21 -14.80 -14.06
C HIS B 92 -26.93 -15.29 -13.37
N ARG B 93 -26.29 -16.28 -13.99
CA ARG B 93 -25.10 -16.91 -13.46
C ARG B 93 -23.89 -16.31 -14.15
N CYS B 94 -23.01 -15.69 -13.36
CA CYS B 94 -21.85 -15.01 -13.92
C CYS B 94 -20.73 -16.01 -14.16
N ALA B 95 -19.71 -15.55 -14.90
CA ALA B 95 -18.61 -16.43 -15.30
C ALA B 95 -17.87 -17.03 -14.11
N ASP B 96 -17.96 -16.43 -12.92
CA ASP B 96 -17.37 -16.99 -11.71
C ASP B 96 -18.31 -17.99 -11.03
N GLY B 97 -19.43 -18.33 -11.68
CA GLY B 97 -20.40 -19.24 -11.12
C GLY B 97 -21.40 -18.64 -10.17
N ARG B 98 -21.24 -17.38 -9.76
CA ARG B 98 -22.11 -16.78 -8.77
C ARG B 98 -23.13 -15.85 -9.41
N THR B 99 -24.24 -15.68 -8.71
CA THR B 99 -25.27 -14.73 -9.08
C THR B 99 -25.26 -13.57 -8.11
N ILE B 100 -26.04 -12.53 -8.44
CA ILE B 100 -26.16 -11.38 -7.55
C ILE B 100 -26.78 -11.79 -6.22
N ALA B 101 -27.58 -12.86 -6.20
CA ALA B 101 -28.17 -13.29 -4.95
C ALA B 101 -27.18 -14.02 -4.06
N ASP B 102 -26.04 -14.46 -4.61
CA ASP B 102 -25.01 -15.11 -3.82
C ASP B 102 -24.23 -14.15 -2.93
N LEU B 103 -24.53 -12.86 -3.01
CA LEU B 103 -23.81 -11.88 -2.21
C LEU B 103 -24.51 -11.67 -0.89
N SER B 104 -23.73 -11.43 0.16
CA SER B 104 -24.30 -11.16 1.47
C SER B 104 -24.57 -9.67 1.62
N VAL B 105 -25.40 -9.34 2.61
CA VAL B 105 -25.65 -7.94 2.97
C VAL B 105 -24.33 -7.24 3.30
N GLN B 106 -23.33 -7.98 3.79
CA GLN B 106 -22.03 -7.38 4.04
C GLN B 106 -21.22 -7.20 2.76
N ASP B 107 -21.39 -8.09 1.77
CA ASP B 107 -20.74 -7.90 0.48
C ASP B 107 -21.25 -6.65 -0.22
N LEU B 108 -22.55 -6.39 -0.13
CA LEU B 108 -23.12 -5.22 -0.79
C LEU B 108 -22.47 -3.94 -0.28
N LYS B 109 -22.24 -3.84 1.04
CA LYS B 109 -21.51 -2.69 1.60
C LYS B 109 -20.14 -2.55 0.96
N LYS B 110 -19.37 -3.63 0.89
CA LYS B 110 -18.07 -3.57 0.22
C LYS B 110 -18.21 -3.17 -1.24
N LEU B 111 -19.24 -3.67 -1.92
CA LEU B 111 -19.48 -3.30 -3.31
C LEU B 111 -19.83 -1.82 -3.41
N ASN B 112 -20.74 -1.35 -2.54
CA ASN B 112 -21.06 0.08 -2.47
C ASN B 112 -19.79 0.91 -2.40
N ILE B 113 -18.86 0.53 -1.52
CA ILE B 113 -17.62 1.29 -1.37
C ILE B 113 -16.86 1.31 -2.67
N ALA B 114 -16.77 0.15 -3.33
CA ALA B 114 -16.05 0.04 -4.60
C ALA B 114 -16.72 0.89 -5.68
N GLN B 115 -18.05 1.01 -5.62
CA GLN B 115 -18.77 1.82 -6.60
C GLN B 115 -18.40 3.30 -6.47
N LEU B 116 -18.13 3.78 -5.25
CA LEU B 116 -17.72 5.17 -5.09
C LEU B 116 -16.54 5.51 -5.98
N PHE B 117 -15.64 4.56 -6.19
CA PHE B 117 -14.42 4.77 -6.96
C PHE B 117 -14.58 4.44 -8.43
N PHE B 118 -15.77 4.08 -8.90
CA PHE B 118 -15.90 3.50 -10.24
C PHE B 118 -15.49 4.50 -11.31
N VAL B 119 -15.97 5.74 -11.25
CA VAL B 119 -15.51 6.75 -12.21
C VAL B 119 -14.63 7.82 -11.58
N ALA B 120 -14.15 7.59 -10.34
CA ALA B 120 -13.42 8.63 -9.63
C ALA B 120 -12.02 8.85 -10.19
N GLY B 121 -11.50 7.93 -11.00
CA GLY B 121 -10.22 8.19 -11.61
C GLY B 121 -10.25 9.01 -12.90
N ARG B 122 -11.43 9.36 -13.42
CA ARG B 122 -11.51 10.15 -14.65
C ARG B 122 -10.72 11.44 -14.51
N GLU B 123 -9.93 11.76 -15.53
CA GLU B 123 -9.27 13.05 -15.61
C GLU B 123 -9.86 13.96 -16.70
N SER B 124 -10.98 13.54 -17.31
CA SER B 124 -11.74 14.31 -18.29
C SER B 124 -12.96 13.48 -18.66
N GLU B 125 -13.81 13.98 -19.57
CA GLU B 125 -14.94 13.21 -20.08
C GLU B 125 -14.57 12.33 -21.27
N ALA B 126 -13.29 12.26 -21.64
CA ALA B 126 -12.91 11.41 -22.76
C ALA B 126 -13.29 9.96 -22.49
N SER B 127 -13.82 9.30 -23.53
CA SER B 127 -14.29 7.93 -23.37
C SER B 127 -13.77 6.99 -24.44
N TYR B 128 -12.96 7.46 -25.37
CA TYR B 128 -12.36 6.53 -26.31
C TYR B 128 -11.52 5.52 -25.55
N GLY B 129 -11.19 4.43 -26.22
CA GLY B 129 -10.53 3.31 -25.58
C GLY B 129 -9.40 3.64 -24.63
N ASP B 130 -8.34 4.27 -25.13
CA ASP B 130 -7.16 4.45 -24.30
C ASP B 130 -7.47 5.29 -23.07
N ALA B 131 -8.29 6.32 -23.23
CA ALA B 131 -8.65 7.16 -22.09
C ALA B 131 -9.51 6.39 -21.09
N TYR B 132 -10.50 5.63 -21.57
CA TYR B 132 -11.41 4.91 -20.68
C TYR B 132 -10.65 3.96 -19.77
N HIS B 133 -9.69 3.21 -20.30
CA HIS B 133 -8.96 2.24 -19.50
C HIS B 133 -7.93 2.87 -18.59
N ARG B 134 -7.28 3.98 -18.98
CA ARG B 134 -6.42 4.69 -18.03
C ARG B 134 -7.22 5.20 -16.84
N TYR B 135 -8.43 5.73 -17.10
CA TYR B 135 -9.22 6.34 -16.05
C TYR B 135 -9.75 5.29 -15.08
N HIS B 136 -10.15 4.13 -15.60
CA HIS B 136 -10.65 3.08 -14.73
C HIS B 136 -9.51 2.41 -13.98
N LEU B 137 -8.32 2.31 -14.57
CA LEU B 137 -7.16 1.84 -13.82
C LEU B 137 -6.73 2.84 -12.76
N TYR B 138 -6.84 4.14 -13.02
CA TYR B 138 -6.63 5.14 -11.97
C TYR B 138 -7.58 4.91 -10.81
N GLY B 139 -8.88 4.81 -11.10
CA GLY B 139 -9.85 4.66 -10.04
C GLY B 139 -9.64 3.37 -9.27
N ALA B 140 -9.20 2.32 -9.96
CA ALA B 140 -8.98 1.05 -9.31
C ALA B 140 -7.82 1.15 -8.32
N LYS B 141 -6.68 1.69 -8.77
CA LYS B 141 -5.53 1.87 -7.88
C LYS B 141 -5.83 2.87 -6.77
N GLN B 142 -6.67 3.86 -7.01
CA GLN B 142 -7.04 4.76 -5.92
C GLN B 142 -7.96 4.07 -4.92
N PHE B 143 -8.77 3.12 -5.38
CA PHE B 143 -9.49 2.25 -4.46
C PHE B 143 -8.51 1.37 -3.68
N GLU B 144 -7.59 0.69 -4.39
CA GLU B 144 -6.61 -0.18 -3.73
C GLU B 144 -5.92 0.53 -2.57
N ALA B 145 -5.25 1.66 -2.87
CA ALA B 145 -4.45 2.35 -1.87
C ALA B 145 -5.30 2.77 -0.67
N TYR B 146 -6.51 3.26 -0.91
CA TYR B 146 -7.36 3.64 0.21
C TYR B 146 -7.79 2.42 1.02
N ALA B 147 -8.16 1.34 0.35
CA ALA B 147 -8.64 0.16 1.07
C ALA B 147 -7.49 -0.48 1.86
N ARG B 148 -6.33 -0.66 1.23
CA ARG B 148 -5.19 -1.32 1.84
C ARG B 148 -4.70 -0.64 3.11
N LYS B 149 -5.09 0.61 3.34
CA LYS B 149 -4.56 1.33 4.48
C LYS B 149 -5.62 1.67 5.51
N HIS B 150 -6.85 1.95 5.10
CA HIS B 150 -7.90 2.31 6.02
C HIS B 150 -9.02 1.28 6.10
N LEU B 151 -8.92 0.17 5.35
CA LEU B 151 -10.05 -0.74 5.21
C LEU B 151 -9.66 -2.21 5.36
N THR B 152 -8.40 -2.51 5.75
CA THR B 152 -7.98 -3.90 5.96
C THR B 152 -8.86 -4.62 6.99
N HIS B 153 -9.42 -3.87 7.95
CA HIS B 153 -10.36 -4.39 8.93
C HIS B 153 -11.74 -4.72 8.37
N LEU B 154 -11.97 -4.53 7.06
CA LEU B 154 -13.29 -4.79 6.49
C LEU B 154 -13.18 -5.49 5.13
N PHE B 155 -12.08 -5.30 4.44
CA PHE B 155 -11.82 -5.97 3.17
C PHE B 155 -10.70 -6.99 3.38
N SER B 156 -10.86 -8.18 2.81
CA SER B 156 -9.69 -9.03 2.75
C SER B 156 -8.81 -8.59 1.59
N GLU B 157 -7.59 -9.10 1.58
CA GLU B 157 -6.69 -8.78 0.49
C GLU B 157 -7.18 -9.38 -0.82
N LYS B 158 -7.70 -10.62 -0.79
CA LYS B 158 -8.34 -11.15 -2.00
C LYS B 158 -9.51 -10.25 -2.42
N GLU B 159 -10.26 -9.72 -1.45
CA GLU B 159 -11.41 -8.87 -1.79
C GLU B 159 -10.96 -7.54 -2.40
N ILE B 160 -9.90 -6.94 -1.87
CA ILE B 160 -9.40 -5.71 -2.45
C ILE B 160 -9.00 -5.94 -3.90
N VAL B 161 -8.24 -7.02 -4.16
CA VAL B 161 -7.83 -7.34 -5.53
C VAL B 161 -9.04 -7.53 -6.43
N LEU B 162 -10.12 -8.14 -5.91
CA LEU B 162 -11.27 -8.45 -6.74
C LEU B 162 -12.03 -7.19 -7.11
N TYR B 163 -12.28 -6.32 -6.11
CA TYR B 163 -13.05 -5.11 -6.35
C TYR B 163 -12.25 -4.10 -7.16
N SER B 164 -10.93 -4.07 -6.98
CA SER B 164 -10.09 -3.24 -7.83
C SER B 164 -10.20 -3.68 -9.29
N ARG B 165 -10.20 -5.00 -9.53
CA ARG B 165 -10.34 -5.47 -10.90
C ARG B 165 -11.72 -5.18 -11.47
N CYS B 166 -12.76 -5.12 -10.62
CA CYS B 166 -14.07 -4.67 -11.07
C CYS B 166 -14.04 -3.21 -11.53
N ILE B 167 -13.39 -2.33 -10.76
CA ILE B 167 -13.33 -0.92 -11.13
C ILE B 167 -12.51 -0.75 -12.39
N GLU B 168 -11.41 -1.52 -12.50
CA GLU B 168 -10.50 -1.42 -13.63
C GLU B 168 -11.18 -1.68 -14.97
N ASP B 169 -12.18 -2.56 -15.01
CA ASP B 169 -12.88 -2.94 -16.24
C ASP B 169 -11.88 -3.25 -17.35
N ARG B 170 -11.01 -4.22 -17.05
CA ARG B 170 -9.90 -4.56 -17.91
C ARG B 170 -10.39 -5.09 -19.25
N ILE B 171 -9.62 -4.82 -20.30
CA ILE B 171 -9.85 -5.37 -21.63
C ILE B 171 -10.02 -6.88 -21.52
N GLY B 172 -11.08 -7.40 -22.14
CA GLY B 172 -11.27 -8.83 -22.14
C GLY B 172 -11.90 -9.42 -20.89
N ASP B 173 -12.33 -8.60 -19.95
CA ASP B 173 -13.23 -9.04 -18.88
C ASP B 173 -14.67 -8.77 -19.34
N ARG B 174 -15.53 -9.78 -19.22
CA ARG B 174 -16.89 -9.58 -19.70
C ARG B 174 -17.71 -8.77 -18.70
N PHE B 175 -18.80 -8.20 -19.22
CA PHE B 175 -19.78 -7.52 -18.39
C PHE B 175 -20.07 -8.30 -17.12
N ASP B 176 -20.13 -9.63 -17.22
CA ASP B 176 -20.52 -10.51 -16.12
C ASP B 176 -19.38 -11.45 -15.71
N GLU B 177 -18.16 -10.95 -15.66
CA GLU B 177 -17.03 -11.80 -15.29
C GLU B 177 -17.12 -12.25 -13.83
N THR B 178 -17.65 -11.41 -12.96
CA THR B 178 -17.90 -11.77 -11.57
C THR B 178 -19.29 -11.25 -11.21
N ALA B 179 -19.89 -11.85 -10.19
CA ALA B 179 -21.18 -11.35 -9.73
C ALA B 179 -21.06 -9.93 -9.21
N GLU B 180 -19.91 -9.61 -8.60
CA GLU B 180 -19.66 -8.27 -8.10
C GLU B 180 -19.54 -7.26 -9.25
N GLY B 181 -18.66 -7.56 -10.22
CA GLY B 181 -18.51 -6.67 -11.37
C GLY B 181 -19.79 -6.52 -12.15
N TYR B 182 -20.59 -7.58 -12.22
CA TYR B 182 -21.86 -7.52 -12.91
C TYR B 182 -22.78 -6.50 -12.28
N LEU B 183 -22.90 -6.55 -10.94
CA LEU B 183 -23.79 -5.61 -10.27
C LEU B 183 -23.28 -4.19 -10.42
N ILE B 184 -21.96 -4.01 -10.38
CA ILE B 184 -21.38 -2.68 -10.52
C ILE B 184 -21.66 -2.13 -11.91
N HIS B 185 -21.43 -2.96 -12.95
CA HIS B 185 -21.68 -2.55 -14.32
C HIS B 185 -23.15 -2.25 -14.55
N LEU B 186 -24.04 -3.11 -14.03
CA LEU B 186 -25.47 -2.87 -14.20
C LEU B 186 -25.92 -1.58 -13.54
N SER B 187 -25.30 -1.17 -12.42
CA SER B 187 -25.71 0.07 -11.78
C SER B 187 -25.28 1.28 -12.58
N HIS B 188 -24.05 1.26 -13.12
CA HIS B 188 -23.59 2.30 -14.02
C HIS B 188 -24.51 2.38 -15.24
N MET B 189 -24.93 1.22 -15.76
CA MET B 189 -25.72 1.19 -16.98
C MET B 189 -27.09 1.84 -16.78
N ILE B 190 -27.71 1.63 -15.62
CA ILE B 190 -29.00 2.23 -15.33
C ILE B 190 -28.90 3.75 -15.44
N ASP B 191 -27.85 4.33 -14.87
CA ASP B 191 -27.69 5.77 -14.85
C ASP B 191 -27.47 6.38 -16.23
N LEU B 192 -27.18 5.57 -17.25
CA LEU B 192 -27.04 6.09 -18.61
C LEU B 192 -28.36 6.51 -19.24
N MET B 193 -29.50 6.12 -18.66
CA MET B 193 -30.78 6.59 -19.19
C MET B 193 -30.89 8.10 -19.11
N ARG B 194 -30.24 8.70 -18.11
CA ARG B 194 -30.29 10.13 -17.89
C ARG B 194 -29.77 10.93 -19.08
N CYS B 195 -29.01 10.29 -19.99
CA CYS B 195 -28.32 11.04 -21.03
C CYS B 195 -28.24 10.37 -22.39
N LYS B 196 -28.86 9.21 -22.60
CA LYS B 196 -28.71 8.55 -23.88
C LYS B 196 -30.08 8.37 -24.54
N SER B 197 -30.05 8.04 -25.83
CA SER B 197 -31.22 8.13 -26.70
C SER B 197 -32.16 6.95 -26.49
N PRO B 198 -33.41 7.08 -26.97
CA PRO B 198 -34.35 5.94 -26.85
C PRO B 198 -33.85 4.65 -27.47
N VAL B 199 -32.93 4.70 -28.43
CA VAL B 199 -32.49 3.44 -29.05
C VAL B 199 -31.60 2.66 -28.10
N GLU B 200 -30.67 3.34 -27.44
CA GLU B 200 -29.85 2.67 -26.43
C GLU B 200 -30.68 2.22 -25.25
N VAL B 201 -31.62 3.06 -24.80
CA VAL B 201 -32.43 2.71 -23.63
C VAL B 201 -33.45 1.62 -23.92
N PHE B 202 -33.91 1.45 -25.17
CA PHE B 202 -35.01 0.54 -25.43
C PHE B 202 -34.81 -0.48 -26.55
N ILE B 203 -33.81 -0.33 -27.41
CA ILE B 203 -33.79 -1.20 -28.59
C ILE B 203 -32.37 -1.72 -28.81
N GLY B 204 -31.36 -0.96 -28.42
CA GLY B 204 -29.97 -1.32 -28.60
C GLY B 204 -29.39 -0.85 -29.93
N HIS B 205 -28.05 -0.80 -29.99
CA HIS B 205 -27.37 -0.35 -31.21
C HIS B 205 -27.50 -1.38 -32.33
N SER B 206 -26.99 -2.58 -32.10
CA SER B 206 -26.75 -3.56 -33.15
C SER B 206 -27.82 -4.65 -33.13
N ARG B 207 -27.52 -5.74 -33.82
CA ARG B 207 -28.44 -6.88 -33.85
C ARG B 207 -28.29 -7.76 -32.61
N GLY B 208 -27.11 -7.77 -31.98
CA GLY B 208 -26.87 -8.65 -30.85
C GLY B 208 -27.20 -8.07 -29.48
N VAL B 209 -27.11 -6.75 -29.34
CA VAL B 209 -27.17 -6.10 -28.04
C VAL B 209 -28.61 -5.76 -27.66
N SER B 210 -28.94 -6.02 -26.40
CA SER B 210 -30.20 -5.58 -25.81
C SER B 210 -30.09 -4.12 -25.38
N GLY B 211 -31.24 -3.47 -25.29
CA GLY B 211 -31.29 -2.15 -24.71
C GLY B 211 -31.02 -2.18 -23.23
N ILE B 212 -31.02 -0.99 -22.63
CA ILE B 212 -30.81 -0.87 -21.19
C ILE B 212 -31.97 -1.50 -20.41
N VAL B 213 -33.20 -1.26 -20.83
CA VAL B 213 -34.28 -1.79 -20.04
C VAL B 213 -34.73 -3.16 -20.57
N PRO B 214 -34.62 -3.49 -21.90
CA PRO B 214 -34.72 -4.91 -22.23
C PRO B 214 -33.79 -5.78 -21.39
N THR B 215 -32.65 -5.20 -20.98
CA THR B 215 -31.73 -5.93 -20.11
C THR B 215 -32.30 -6.07 -18.69
N LEU B 216 -32.83 -4.97 -18.12
CA LEU B 216 -33.43 -5.08 -16.80
C LEU B 216 -34.67 -5.96 -16.80
N ILE B 217 -35.37 -6.05 -17.94
CA ILE B 217 -36.55 -6.91 -18.03
C ILE B 217 -36.12 -8.37 -18.06
N GLN B 218 -35.10 -8.68 -18.87
CA GLN B 218 -34.64 -10.07 -19.01
C GLN B 218 -34.10 -10.63 -17.71
N LEU B 219 -33.63 -9.78 -16.78
CA LEU B 219 -33.05 -10.23 -15.53
C LEU B 219 -34.06 -10.29 -14.40
N PHE B 220 -35.00 -9.35 -14.37
CA PHE B 220 -35.93 -9.22 -13.25
C PHE B 220 -37.39 -9.31 -13.67
N GLY B 221 -37.69 -9.55 -14.94
CA GLY B 221 -39.06 -9.54 -15.41
C GLY B 221 -39.56 -8.14 -15.69
N ARG B 222 -40.81 -8.05 -16.15
CA ARG B 222 -41.34 -6.79 -16.66
C ARG B 222 -41.78 -5.85 -15.55
N GLU B 223 -42.37 -6.38 -14.48
CA GLU B 223 -42.79 -5.48 -13.39
C GLU B 223 -41.58 -5.03 -12.60
N ASP B 224 -40.79 -5.97 -12.09
CA ASP B 224 -39.56 -5.63 -11.37
C ASP B 224 -38.67 -4.74 -12.22
N GLY B 225 -38.46 -5.11 -13.47
CA GLY B 225 -37.66 -4.32 -14.40
C GLY B 225 -38.03 -2.85 -14.48
N LEU B 226 -39.28 -2.55 -14.87
CA LEU B 226 -39.70 -1.16 -15.03
C LEU B 226 -39.95 -0.47 -13.70
N ASP B 227 -40.17 -1.21 -12.62
CA ASP B 227 -40.15 -0.59 -11.30
C ASP B 227 -38.78 0.01 -11.02
N ILE B 228 -37.72 -0.72 -11.39
CA ILE B 228 -36.36 -0.22 -11.24
C ILE B 228 -36.13 0.98 -12.15
N MET B 229 -36.60 0.90 -13.39
CA MET B 229 -36.47 2.02 -14.32
C MET B 229 -37.07 3.31 -13.76
N HIS B 230 -38.27 3.22 -13.17
CA HIS B 230 -38.90 4.43 -12.65
C HIS B 230 -38.23 4.92 -11.38
N TYR B 231 -37.67 4.01 -10.58
CA TYR B 231 -36.96 4.46 -9.39
C TYR B 231 -35.74 5.28 -9.77
N ALA B 232 -35.01 4.84 -10.81
CA ALA B 232 -33.87 5.59 -11.30
C ALA B 232 -34.29 6.99 -11.75
N ARG B 233 -35.19 7.05 -12.75
CA ARG B 233 -35.71 8.31 -13.26
C ARG B 233 -36.06 9.25 -12.13
N SER B 234 -36.63 8.69 -11.06
CA SER B 234 -37.00 9.43 -9.87
C SER B 234 -35.78 9.87 -9.04
N LEU B 235 -34.64 9.18 -9.20
CA LEU B 235 -33.43 9.62 -8.51
C LEU B 235 -32.74 10.74 -9.29
N PHE B 236 -32.81 10.68 -10.62
CA PHE B 236 -32.47 11.82 -11.47
C PHE B 236 -33.16 13.08 -10.95
N ALA B 237 -34.50 13.04 -10.95
CA ALA B 237 -35.32 14.17 -10.51
C ALA B 237 -34.87 14.70 -9.16
N ALA B 238 -34.62 13.81 -8.20
CA ALA B 238 -34.25 14.29 -6.88
C ALA B 238 -32.86 14.90 -6.84
N THR B 239 -32.02 14.58 -7.83
CA THR B 239 -30.69 15.13 -7.90
C THR B 239 -30.57 16.20 -8.99
N GLY B 240 -31.70 16.71 -9.46
CA GLY B 240 -31.76 17.88 -10.32
C GLY B 240 -31.63 17.62 -11.81
N GLU B 241 -31.43 16.38 -12.24
CA GLU B 241 -31.08 16.15 -13.63
C GLU B 241 -32.33 16.01 -14.48
N ALA B 242 -32.17 16.26 -15.77
CA ALA B 242 -33.29 16.24 -16.68
C ALA B 242 -33.76 14.80 -16.87
N VAL B 243 -35.07 14.60 -16.74
CA VAL B 243 -35.68 13.28 -16.88
C VAL B 243 -36.30 13.17 -18.25
N PRO B 244 -35.67 12.50 -19.20
CA PRO B 244 -36.22 12.47 -20.57
C PRO B 244 -37.60 11.82 -20.61
N TYR B 245 -38.46 12.34 -21.47
CA TYR B 245 -39.73 11.68 -21.74
C TYR B 245 -39.48 10.34 -22.42
N ILE B 246 -40.41 9.39 -22.23
CA ILE B 246 -40.43 8.14 -22.98
C ILE B 246 -41.68 8.11 -23.84
N SER B 247 -41.54 7.60 -25.07
CA SER B 247 -42.72 7.40 -25.92
C SER B 247 -42.52 6.17 -26.78
N SER B 248 -43.27 5.11 -26.49
CA SER B 248 -43.23 3.90 -27.29
C SER B 248 -43.80 4.12 -28.69
N SER B 249 -44.64 5.15 -28.87
CA SER B 249 -45.25 5.43 -30.16
C SER B 249 -44.20 5.80 -31.20
N GLU B 250 -43.27 6.68 -30.84
CA GLU B 250 -42.30 7.19 -31.79
C GLU B 250 -41.34 6.12 -32.28
N TRP B 251 -41.21 5.01 -31.56
CA TRP B 251 -40.15 4.05 -31.82
C TRP B 251 -40.06 3.52 -33.24
N PRO B 252 -41.16 3.27 -33.97
CA PRO B 252 -41.00 2.92 -35.40
C PRO B 252 -40.30 4.01 -36.20
N HIS B 253 -40.70 5.28 -36.00
CA HIS B 253 -40.18 6.43 -36.74
C HIS B 253 -38.71 6.70 -36.44
N LEU B 254 -38.00 5.72 -35.91
CA LEU B 254 -36.64 5.94 -35.44
C LEU B 254 -35.59 5.49 -36.45
N GLY B 255 -36.01 5.04 -37.62
CA GLY B 255 -35.03 4.71 -38.64
C GLY B 255 -34.31 3.41 -38.39
N ILE B 256 -34.85 2.55 -37.53
CA ILE B 256 -34.32 1.21 -37.36
C ILE B 256 -35.42 0.22 -37.67
N GLU B 257 -34.99 -0.96 -38.16
CA GLU B 257 -35.82 -2.03 -38.65
C GLU B 257 -37.09 -2.24 -37.83
N SER B 258 -38.18 -2.62 -38.49
CA SER B 258 -39.33 -3.09 -37.73
C SER B 258 -38.98 -4.33 -36.91
N ASP B 259 -37.94 -5.08 -37.33
CA ASP B 259 -37.44 -6.21 -36.55
C ASP B 259 -37.24 -5.83 -35.09
N ARG B 260 -36.40 -4.82 -34.85
CA ARG B 260 -35.98 -4.50 -33.50
C ARG B 260 -37.09 -3.79 -32.74
N VAL B 261 -37.73 -2.79 -33.34
CA VAL B 261 -38.80 -2.11 -32.61
C VAL B 261 -39.94 -3.08 -32.31
N GLU B 262 -40.11 -4.13 -33.14
CA GLU B 262 -41.04 -5.20 -32.80
C GLU B 262 -40.65 -5.86 -31.46
N ARG B 263 -39.40 -6.35 -31.38
CA ARG B 263 -38.93 -6.99 -30.15
C ARG B 263 -39.07 -6.07 -28.94
N ALA B 264 -38.71 -4.79 -29.11
CA ALA B 264 -38.75 -3.85 -27.99
C ALA B 264 -40.16 -3.71 -27.43
N LEU B 265 -41.16 -3.56 -28.30
CA LEU B 265 -42.53 -3.41 -27.78
C LEU B 265 -43.05 -4.71 -27.17
N LYS B 266 -42.55 -5.87 -27.62
CA LYS B 266 -42.90 -7.12 -26.95
C LYS B 266 -42.27 -7.19 -25.56
N ILE B 267 -40.96 -6.97 -25.49
CA ILE B 267 -40.23 -7.09 -24.22
C ILE B 267 -40.65 -6.00 -23.25
N VAL B 268 -40.58 -4.74 -23.68
CA VAL B 268 -40.90 -3.64 -22.78
C VAL B 268 -42.40 -3.44 -22.64
N GLY B 269 -43.17 -3.87 -23.63
CA GLY B 269 -44.57 -3.49 -23.69
C GLY B 269 -44.71 -2.04 -24.11
N SER B 270 -45.96 -1.58 -24.14
CA SER B 270 -46.19 -0.18 -24.42
C SER B 270 -45.92 0.63 -23.17
N LEU B 271 -45.46 1.86 -23.38
CA LEU B 271 -44.93 2.69 -22.31
C LEU B 271 -44.80 4.13 -22.80
N GLU B 272 -45.31 5.10 -22.03
CA GLU B 272 -45.22 6.51 -22.43
C GLU B 272 -45.30 7.37 -21.17
N VAL B 273 -44.14 7.85 -20.73
CA VAL B 273 -44.02 8.75 -19.60
C VAL B 273 -43.59 10.10 -20.13
N GLU B 274 -44.25 11.15 -19.68
CA GLU B 274 -43.82 12.49 -20.03
C GLU B 274 -42.57 12.85 -19.25
N GLY B 275 -41.76 13.72 -19.84
CA GLY B 275 -40.49 14.10 -19.25
C GLY B 275 -40.63 15.11 -18.13
N GLN B 276 -39.51 15.74 -17.82
CA GLN B 276 -39.35 16.77 -16.82
C GLN B 276 -37.95 17.33 -17.00
N GLU B 277 -37.78 18.62 -16.76
CA GLU B 277 -36.50 19.25 -17.03
C GLU B 277 -35.77 19.61 -15.74
N ALA B 278 -34.44 19.80 -15.88
CA ALA B 278 -33.50 19.86 -14.76
C ALA B 278 -33.80 21.00 -13.78
N ASP B 279 -33.04 21.05 -12.69
CA ASP B 279 -33.26 22.01 -11.61
C ASP B 279 -31.92 22.37 -11.02
N ALA B 280 -31.55 23.66 -11.10
CA ALA B 280 -30.18 24.05 -10.79
C ALA B 280 -29.83 23.76 -9.33
N LYS B 281 -30.71 24.14 -8.39
CA LYS B 281 -30.30 24.04 -6.99
C LYS B 281 -30.46 22.64 -6.40
N LYS B 282 -31.35 21.80 -6.96
CA LYS B 282 -31.30 20.37 -6.66
C LYS B 282 -30.03 19.73 -7.23
N THR B 283 -29.57 20.20 -8.39
CA THR B 283 -28.28 19.77 -8.92
C THR B 283 -27.13 20.25 -8.04
N ALA B 284 -27.24 21.46 -7.49
CA ALA B 284 -26.16 22.01 -6.68
C ALA B 284 -26.10 21.34 -5.31
N GLN B 285 -27.26 21.01 -4.74
CA GLN B 285 -27.26 20.44 -3.39
C GLN B 285 -26.87 18.96 -3.42
N ALA B 286 -27.28 18.25 -4.48
CA ALA B 286 -26.81 16.90 -4.70
C ALA B 286 -25.37 16.84 -5.20
N GLY B 287 -24.81 17.95 -5.69
CA GLY B 287 -23.47 17.92 -6.25
C GLY B 287 -22.37 18.35 -5.30
N PHE B 288 -22.70 19.13 -4.27
CA PHE B 288 -21.67 19.82 -3.49
C PHE B 288 -21.41 19.25 -2.11
N SER B 289 -22.16 18.23 -1.65
CA SER B 289 -21.89 17.63 -0.35
C SER B 289 -22.51 16.24 -0.24
N VAL B 290 -21.80 15.35 0.46
CA VAL B 290 -22.35 14.02 0.77
C VAL B 290 -23.67 14.16 1.51
N ASP B 291 -23.68 14.99 2.57
CA ASP B 291 -24.91 15.18 3.35
C ASP B 291 -26.06 15.69 2.48
N GLY B 292 -25.76 16.63 1.57
CA GLY B 292 -26.80 17.13 0.68
C GLY B 292 -27.24 16.08 -0.33
N CYS B 293 -26.29 15.28 -0.83
CA CYS B 293 -26.62 14.29 -1.84
C CYS B 293 -27.36 13.09 -1.25
N TYR B 294 -26.87 12.58 -0.11
CA TYR B 294 -27.57 11.49 0.59
C TYR B 294 -28.97 11.94 1.02
N GLY B 295 -29.05 13.06 1.74
CA GLY B 295 -30.34 13.55 2.22
C GLY B 295 -31.39 13.67 1.14
N ALA B 296 -30.98 13.98 -0.10
CA ALA B 296 -31.93 14.10 -1.20
C ALA B 296 -32.43 12.74 -1.66
N LEU B 297 -31.58 11.70 -1.59
CA LEU B 297 -31.88 10.41 -2.20
C LEU B 297 -32.62 9.46 -1.24
N VAL B 298 -32.31 9.48 0.06
CA VAL B 298 -33.05 8.69 1.04
C VAL B 298 -34.53 9.04 1.08
N LYS B 299 -34.90 10.24 0.67
CA LYS B 299 -36.29 10.66 0.77
C LYS B 299 -37.15 10.16 -0.38
N ILE B 300 -36.58 9.45 -1.36
CA ILE B 300 -37.39 8.91 -2.46
C ILE B 300 -37.90 7.55 -2.06
N ASP B 301 -39.21 7.36 -2.23
CA ASP B 301 -39.78 6.06 -1.95
C ASP B 301 -39.23 5.00 -2.87
N THR B 302 -39.05 3.83 -2.30
CA THR B 302 -38.66 2.59 -2.95
C THR B 302 -39.92 1.89 -3.43
N PRO B 303 -39.81 0.96 -4.38
CA PRO B 303 -40.99 0.18 -4.79
C PRO B 303 -41.57 -0.61 -3.62
N ASP B 304 -42.78 -1.16 -3.86
CA ASP B 304 -43.50 -1.84 -2.79
C ASP B 304 -42.75 -3.08 -2.30
N TRP B 305 -42.26 -3.88 -3.24
CA TRP B 305 -41.63 -5.14 -2.89
C TRP B 305 -40.23 -4.99 -2.33
N TYR B 306 -39.68 -3.78 -2.31
CA TYR B 306 -38.31 -3.59 -1.82
C TYR B 306 -38.34 -3.47 -0.30
N HIS B 307 -37.73 -4.44 0.38
CA HIS B 307 -37.53 -4.37 1.83
C HIS B 307 -36.04 -4.55 2.07
N GLN B 308 -35.39 -3.47 2.46
CA GLN B 308 -33.95 -3.48 2.62
C GLN B 308 -33.56 -4.15 3.93
N VAL B 309 -32.44 -4.88 3.90
CA VAL B 309 -32.09 -5.72 5.04
C VAL B 309 -31.40 -4.92 6.13
N LYS B 310 -30.43 -4.09 5.76
CA LYS B 310 -29.45 -3.53 6.70
C LYS B 310 -30.05 -3.13 8.05
N GLU B 311 -29.43 -3.64 9.13
CA GLU B 311 -29.44 -3.02 10.45
C GLU B 311 -28.06 -2.96 11.08
N LYS B 312 -27.10 -3.75 10.60
CA LYS B 312 -25.72 -3.69 11.08
C LYS B 312 -24.86 -4.40 10.05
N GLY C 1 17.39 -7.84 6.39
CA GLY C 1 18.17 -6.81 5.75
C GLY C 1 17.31 -5.77 5.03
N ALA C 2 15.99 -5.84 5.19
CA ALA C 2 15.09 -4.97 4.43
C ALA C 2 15.43 -3.50 4.66
N MET C 3 15.44 -2.71 3.58
CA MET C 3 15.72 -1.30 3.75
C MET C 3 14.61 -0.61 4.54
N GLY C 4 13.37 -1.04 4.38
CA GLY C 4 12.25 -0.42 5.04
C GLY C 4 11.84 0.94 4.46
N SER C 5 10.72 1.44 4.97
CA SER C 5 10.11 2.70 4.53
C SER C 5 10.99 3.90 4.83
N ILE C 6 11.88 4.25 3.90
CA ILE C 6 12.81 5.36 4.09
C ILE C 6 12.31 6.71 3.56
N LEU C 7 11.25 6.74 2.75
CA LEU C 7 10.72 8.00 2.21
C LEU C 7 9.51 8.45 3.02
N ASP C 8 9.54 9.69 3.48
CA ASP C 8 8.50 10.17 4.37
C ASP C 8 7.23 10.44 3.57
N PRO C 9 6.09 10.66 4.24
CA PRO C 9 4.85 10.89 3.50
C PRO C 9 4.93 12.03 2.49
N GLU C 10 5.70 13.08 2.77
CA GLU C 10 5.75 14.19 1.83
C GLU C 10 6.32 13.73 0.49
N VAL C 11 7.41 12.94 0.53
CA VAL C 11 8.02 12.46 -0.71
C VAL C 11 7.07 11.54 -1.46
N LEU C 12 6.37 10.67 -0.76
CA LEU C 12 5.42 9.78 -1.43
C LEU C 12 4.28 10.58 -2.06
N LYS C 13 3.79 11.63 -1.38
CA LYS C 13 2.76 12.47 -1.97
C LYS C 13 3.23 13.09 -3.28
N VAL C 14 4.49 13.53 -3.34
CA VAL C 14 5.05 14.03 -4.58
C VAL C 14 5.09 12.92 -5.62
N ALA C 15 5.48 11.72 -5.20
CA ALA C 15 5.57 10.61 -6.15
C ALA C 15 4.22 10.30 -6.77
N GLU C 16 3.15 10.38 -5.97
CA GLU C 16 1.80 10.18 -6.51
C GLU C 16 1.46 11.25 -7.55
N TYR C 17 1.86 12.49 -7.29
CA TYR C 17 1.64 13.54 -8.26
C TYR C 17 2.38 13.25 -9.55
N VAL C 18 3.67 12.94 -9.44
CA VAL C 18 4.47 12.70 -10.62
C VAL C 18 3.94 11.52 -11.42
N TYR C 19 3.46 10.47 -10.72
CA TYR C 19 2.83 9.35 -11.43
C TYR C 19 1.53 9.79 -12.10
N GLN C 20 0.66 10.47 -11.37
CA GLN C 20 -0.65 10.80 -11.94
C GLN C 20 -0.51 11.81 -13.07
N GLU C 21 0.42 12.75 -12.95
CA GLU C 21 0.56 13.83 -13.92
C GLU C 21 1.50 13.51 -15.08
N ARG C 22 2.48 12.66 -14.87
CA ARG C 22 3.46 12.47 -15.92
C ARG C 22 3.73 11.00 -16.22
N LEU C 23 4.20 10.22 -15.22
CA LEU C 23 4.79 8.92 -15.53
C LEU C 23 3.75 7.87 -15.95
N SER C 24 2.48 8.06 -15.60
CA SER C 24 1.42 7.18 -16.07
C SER C 24 0.88 7.57 -17.46
N LYS C 25 1.34 8.72 -18.07
CA LYS C 25 0.67 9.07 -19.33
C LYS C 25 1.39 8.46 -20.54
N PRO C 26 0.62 8.16 -21.58
CA PRO C 26 1.23 7.83 -22.88
C PRO C 26 2.24 8.90 -23.29
N TYR C 27 3.39 8.43 -23.77
CA TYR C 27 4.27 9.26 -24.58
C TYR C 27 3.50 9.92 -25.72
N THR C 28 3.86 11.16 -26.06
CA THR C 28 3.09 11.90 -27.05
C THR C 28 3.87 12.24 -28.33
N GLU C 29 5.19 12.20 -28.33
CA GLU C 29 5.95 12.46 -29.56
C GLU C 29 6.24 11.15 -30.28
N VAL C 30 5.20 10.50 -30.79
CA VAL C 30 5.30 9.06 -31.11
C VAL C 30 4.80 8.66 -32.51
N GLY C 31 3.94 9.38 -33.22
CA GLY C 31 3.39 8.78 -34.42
C GLY C 31 4.31 8.60 -35.65
N PRO C 32 3.68 8.57 -36.84
CA PRO C 32 4.47 8.61 -38.08
C PRO C 32 5.25 9.89 -38.25
N GLU C 33 4.74 10.98 -37.73
CA GLU C 33 5.45 12.23 -37.71
C GLU C 33 6.72 12.20 -36.84
N TRP C 34 7.19 11.10 -36.23
CA TRP C 34 8.40 11.13 -35.42
C TRP C 34 9.32 9.96 -35.76
N GLU C 35 9.10 9.30 -36.90
CA GLU C 35 10.11 8.39 -37.42
C GLU C 35 11.27 9.21 -37.95
N TYR C 36 12.38 8.53 -38.24
CA TYR C 36 13.57 9.27 -38.62
C TYR C 36 14.47 8.35 -39.42
N ASN C 37 15.15 8.95 -40.38
CA ASN C 37 16.27 8.34 -41.08
C ASN C 37 17.32 9.42 -41.29
N HIS C 38 18.58 9.14 -40.95
CA HIS C 38 19.62 10.14 -41.14
C HIS C 38 19.77 10.54 -42.61
N LYS C 39 19.30 9.69 -43.53
CA LYS C 39 19.40 9.95 -44.96
C LYS C 39 18.26 10.82 -45.52
N THR C 40 17.21 11.10 -44.75
CA THR C 40 16.29 12.20 -45.04
C THR C 40 16.04 12.93 -43.73
N PRO C 41 17.05 13.65 -43.22
CA PRO C 41 17.02 14.03 -41.80
C PRO C 41 15.76 14.78 -41.39
N TYR C 42 15.14 15.58 -42.28
CA TYR C 42 14.02 16.42 -41.87
C TYR C 42 12.74 16.14 -42.67
N ALA C 43 12.52 14.86 -43.01
CA ALA C 43 11.25 14.42 -43.62
C ALA C 43 10.07 14.55 -42.66
N THR C 44 10.29 14.25 -41.37
CA THR C 44 9.31 14.30 -40.27
C THR C 44 9.83 15.27 -39.21
N ARG C 45 9.05 15.48 -38.14
CA ARG C 45 9.52 16.47 -37.16
C ARG C 45 10.56 15.91 -36.18
N ALA C 46 10.93 14.64 -36.32
CA ALA C 46 12.01 14.08 -35.51
C ALA C 46 13.37 14.42 -36.10
N THR C 47 14.37 14.52 -35.22
CA THR C 47 15.72 14.76 -35.69
C THR C 47 16.66 13.73 -35.12
N GLY C 48 16.13 12.56 -34.80
CA GLY C 48 16.96 11.44 -34.41
C GLY C 48 16.09 10.23 -34.17
N THR C 49 16.74 9.08 -34.03
CA THR C 49 16.01 7.84 -33.87
C THR C 49 15.42 7.76 -32.47
N GLY C 50 14.58 6.74 -32.27
CA GLY C 50 14.15 6.31 -30.97
C GLY C 50 12.75 6.71 -30.54
N HIS C 51 12.07 7.62 -31.25
CA HIS C 51 10.82 8.15 -30.72
C HIS C 51 9.74 7.09 -30.57
N ASN C 52 9.85 5.98 -31.29
CA ASN C 52 8.82 4.97 -31.33
C ASN C 52 9.24 3.67 -30.68
N LEU C 53 10.44 3.62 -30.09
CA LEU C 53 10.83 2.48 -29.27
C LEU C 53 9.92 2.40 -28.04
N GLN C 54 9.49 1.18 -27.73
CA GLN C 54 8.98 0.84 -26.40
C GLN C 54 8.02 1.88 -25.86
N ARG C 55 7.09 2.34 -26.68
CA ARG C 55 6.11 3.29 -26.20
C ARG C 55 5.33 2.73 -25.02
N PHE C 56 5.10 1.42 -24.99
CA PHE C 56 4.34 0.75 -23.95
C PHE C 56 4.51 -0.74 -24.13
N ILE C 57 4.11 -1.50 -23.11
CA ILE C 57 4.05 -2.95 -23.17
C ILE C 57 2.71 -3.36 -22.58
N THR C 58 2.27 -4.55 -22.98
CA THR C 58 1.00 -5.08 -22.51
C THR C 58 1.27 -6.27 -21.61
N ILE C 59 0.81 -6.18 -20.37
CA ILE C 59 1.02 -7.22 -19.36
C ILE C 59 -0.34 -7.64 -18.87
N ASP C 60 -0.72 -8.87 -19.19
CA ASP C 60 -2.01 -9.45 -18.79
C ASP C 60 -3.17 -8.49 -19.08
N ASP C 61 -3.21 -8.00 -20.31
CA ASP C 61 -4.23 -7.08 -20.82
C ASP C 61 -4.23 -5.70 -20.17
N GLN C 62 -3.18 -5.35 -19.42
CA GLN C 62 -3.00 -4.01 -18.90
C GLN C 62 -1.92 -3.32 -19.71
N ARG C 63 -2.14 -2.07 -20.07
CA ARG C 63 -1.20 -1.36 -20.91
C ARG C 63 -0.32 -0.49 -20.04
N LEU C 64 0.97 -0.75 -20.06
CA LEU C 64 1.93 -0.07 -19.20
C LEU C 64 2.71 0.87 -20.11
N HIS C 65 2.39 2.17 -20.03
CA HIS C 65 3.10 3.13 -20.86
C HIS C 65 4.47 3.39 -20.31
N ARG C 66 5.37 3.77 -21.22
CA ARG C 66 6.75 4.13 -20.96
C ARG C 66 7.40 3.18 -19.94
N PRO C 67 7.42 1.87 -20.23
CA PRO C 67 7.99 0.92 -19.26
C PRO C 67 9.46 1.14 -18.98
N ILE C 68 10.22 1.81 -19.84
CA ILE C 68 11.63 1.97 -19.55
C ILE C 68 11.90 3.16 -18.64
N HIS C 69 11.03 4.16 -18.65
CA HIS C 69 11.19 5.38 -17.86
C HIS C 69 9.94 5.67 -17.10
N GLY C 70 9.43 4.64 -16.43
CA GLY C 70 8.17 4.72 -15.72
C GLY C 70 8.40 4.91 -14.24
N LEU C 71 7.39 4.50 -13.47
CA LEU C 71 7.44 4.66 -12.01
C LEU C 71 8.53 3.79 -11.40
N ALA C 72 8.68 2.56 -11.88
CA ALA C 72 9.61 1.63 -11.25
C ALA C 72 11.03 2.11 -11.42
N HIS C 73 11.37 2.57 -12.62
CA HIS C 73 12.68 3.15 -12.86
C HIS C 73 12.91 4.37 -11.97
N THR C 74 11.91 5.22 -11.82
CA THR C 74 12.12 6.44 -11.04
C THR C 74 12.33 6.12 -9.56
N MET C 75 11.44 5.31 -8.98
CA MET C 75 11.57 4.89 -7.59
C MET C 75 12.92 4.23 -7.31
N ARG C 76 13.37 3.32 -8.19
CA ARG C 76 14.62 2.63 -7.89
C ARG C 76 15.75 3.62 -7.66
N THR C 77 15.77 4.75 -8.41
CA THR C 77 16.86 5.71 -8.24
C THR C 77 16.79 6.40 -6.88
N LEU C 78 15.60 6.55 -6.28
CA LEU C 78 15.54 7.11 -4.93
C LEU C 78 16.21 6.16 -3.94
N PHE C 79 16.03 4.84 -4.14
CA PHE C 79 16.67 3.87 -3.27
C PHE C 79 18.19 3.84 -3.47
N TYR C 80 18.67 4.01 -4.71
CA TYR C 80 20.12 4.02 -4.94
C TYR C 80 20.78 5.22 -4.24
N SER C 81 20.13 6.39 -4.26
CA SER C 81 20.73 7.57 -3.62
C SER C 81 20.80 7.40 -2.10
N GLN C 82 19.79 6.76 -1.50
CA GLN C 82 19.86 6.48 -0.08
C GLN C 82 21.03 5.56 0.25
N LEU C 83 21.24 4.53 -0.58
CA LEU C 83 22.32 3.60 -0.31
C LEU C 83 23.68 4.25 -0.54
N MET C 84 23.79 5.10 -1.57
CA MET C 84 25.05 5.76 -1.84
C MET C 84 25.33 6.92 -0.88
N TYR C 85 24.27 7.49 -0.29
CA TYR C 85 24.46 8.44 0.81
C TYR C 85 25.23 7.80 1.98
N GLU C 86 24.89 6.56 2.34
CA GLU C 86 25.63 5.86 3.40
C GLU C 86 27.03 5.50 2.93
N ALA C 87 27.15 4.97 1.71
CA ALA C 87 28.46 4.55 1.20
C ALA C 87 29.46 5.68 1.23
N ALA C 88 29.05 6.89 0.87
CA ALA C 88 29.97 8.02 0.88
C ALA C 88 30.48 8.35 2.28
N LYS C 89 29.71 7.98 3.32
CA LYS C 89 30.14 8.21 4.70
C LYS C 89 31.20 7.19 5.13
N ARG C 90 31.26 6.02 4.50
CA ARG C 90 32.36 5.07 4.70
C ARG C 90 33.61 5.41 3.88
N GLN C 91 33.72 6.62 3.33
CA GLN C 91 34.81 6.91 2.44
C GLN C 91 35.71 7.97 3.02
N PRO C 92 37.03 7.73 3.05
CA PRO C 92 37.97 8.83 3.22
C PRO C 92 38.07 9.59 1.90
N HIS C 93 37.91 10.91 1.98
CA HIS C 93 37.95 11.76 0.79
C HIS C 93 36.96 11.36 -0.29
N PRO C 94 35.66 11.50 -0.06
CA PRO C 94 34.71 11.38 -1.17
C PRO C 94 34.89 12.55 -2.13
N HIS C 95 34.35 12.39 -3.34
CA HIS C 95 34.60 13.33 -4.42
C HIS C 95 34.12 14.72 -4.05
N ARG C 96 34.97 15.72 -4.26
CA ARG C 96 34.60 17.11 -4.02
C ARG C 96 34.14 17.74 -5.33
N CYS C 97 32.89 18.22 -5.34
CA CYS C 97 32.22 18.78 -6.49
C CYS C 97 32.49 20.28 -6.61
N ALA C 98 32.01 20.87 -7.71
CA ALA C 98 32.34 22.26 -8.06
C ALA C 98 31.79 23.27 -7.05
N ASP C 99 30.76 22.91 -6.28
CA ASP C 99 30.32 23.72 -5.15
C ASP C 99 31.23 23.55 -3.93
N GLY C 100 32.28 22.74 -4.02
CA GLY C 100 33.16 22.52 -2.90
C GLY C 100 32.67 21.52 -1.87
N ARG C 101 31.63 20.75 -2.18
CA ARG C 101 31.03 19.82 -1.23
C ARG C 101 31.12 18.40 -1.78
N THR C 102 30.92 17.43 -0.89
CA THR C 102 30.89 16.02 -1.26
C THR C 102 29.52 15.42 -0.92
N ILE C 103 29.33 14.15 -1.30
CA ILE C 103 28.11 13.44 -0.92
C ILE C 103 28.03 13.31 0.59
N ALA C 104 29.20 13.30 1.27
CA ALA C 104 29.18 13.12 2.71
C ALA C 104 28.71 14.37 3.43
N ASP C 105 28.78 15.54 2.78
CA ASP C 105 28.28 16.80 3.30
C ASP C 105 26.77 16.96 3.17
N LEU C 106 26.06 15.98 2.60
CA LEU C 106 24.61 16.14 2.44
C LEU C 106 23.94 15.89 3.79
N SER C 107 23.01 16.77 4.17
CA SER C 107 22.17 16.51 5.33
C SER C 107 21.03 15.57 4.98
N VAL C 108 20.33 15.12 6.01
CA VAL C 108 19.12 14.32 5.77
C VAL C 108 18.07 15.15 5.04
N GLN C 109 17.99 16.45 5.35
CA GLN C 109 17.09 17.34 4.63
C GLN C 109 17.50 17.45 3.15
N ASP C 110 18.81 17.57 2.86
CA ASP C 110 19.24 17.66 1.48
C ASP C 110 18.87 16.41 0.69
N LEU C 111 18.99 15.25 1.34
CA LEU C 111 18.64 14.00 0.70
C LEU C 111 17.15 13.93 0.42
N LYS C 112 16.31 14.46 1.33
CA LYS C 112 14.88 14.48 1.07
C LYS C 112 14.54 15.39 -0.11
N LYS C 113 15.16 16.57 -0.19
CA LYS C 113 14.96 17.45 -1.34
C LYS C 113 15.44 16.81 -2.62
N LEU C 114 16.64 16.21 -2.59
CA LEU C 114 17.20 15.52 -3.73
C LEU C 114 16.31 14.37 -4.21
N ASN C 115 15.74 13.61 -3.28
CA ASN C 115 14.82 12.54 -3.66
C ASN C 115 13.60 13.10 -4.37
N ILE C 116 13.08 14.23 -3.88
CA ILE C 116 11.93 14.83 -4.54
C ILE C 116 12.29 15.22 -5.95
N ALA C 117 13.50 15.80 -6.13
CA ALA C 117 13.94 16.20 -7.45
C ALA C 117 14.09 14.99 -8.36
N GLN C 118 14.59 13.88 -7.83
CA GLN C 118 14.76 12.68 -8.64
C GLN C 118 13.43 12.17 -9.19
N LEU C 119 12.33 12.42 -8.46
CA LEU C 119 11.02 12.02 -8.96
C LEU C 119 10.74 12.62 -10.34
N PHE C 120 11.32 13.79 -10.64
CA PHE C 120 11.05 14.48 -11.91
C PHE C 120 12.12 14.22 -12.96
N PHE C 121 13.21 13.52 -12.62
CA PHE C 121 14.41 13.55 -13.46
C PHE C 121 14.13 13.21 -14.93
N VAL C 122 13.28 12.21 -15.18
CA VAL C 122 12.92 11.82 -16.54
C VAL C 122 11.44 11.96 -16.79
N ALA C 123 10.72 12.63 -15.88
CA ALA C 123 9.27 12.80 -15.98
C ALA C 123 8.88 13.71 -17.14
N GLY C 124 9.81 14.51 -17.67
CA GLY C 124 9.46 15.31 -18.84
C GLY C 124 9.59 14.61 -20.17
N ARG C 125 9.97 13.32 -20.18
CA ARG C 125 10.10 12.60 -21.44
C ARG C 125 8.76 12.54 -22.18
N GLU C 126 8.83 12.63 -23.51
CA GLU C 126 7.67 12.41 -24.35
C GLU C 126 7.90 11.29 -25.35
N SER C 127 9.01 10.57 -25.24
CA SER C 127 9.30 9.39 -26.03
C SER C 127 10.60 8.84 -25.46
N GLU C 128 11.01 7.67 -25.97
CA GLU C 128 12.29 7.09 -25.63
C GLU C 128 13.45 7.73 -26.37
N ALA C 129 13.19 8.78 -27.15
CA ALA C 129 14.25 9.43 -27.90
C ALA C 129 15.32 9.96 -26.94
N SER C 130 16.58 9.62 -27.22
CA SER C 130 17.66 10.10 -26.37
C SER C 130 18.79 10.75 -27.16
N TYR C 131 18.62 10.97 -28.45
CA TYR C 131 19.57 11.80 -29.18
C TYR C 131 19.58 13.22 -28.58
N GLY C 132 20.73 13.89 -28.74
CA GLY C 132 20.98 15.20 -28.17
C GLY C 132 19.80 16.12 -27.90
N ASP C 133 19.13 16.57 -28.97
CA ASP C 133 18.11 17.62 -28.82
C ASP C 133 16.88 17.12 -28.09
N ALA C 134 16.51 15.85 -28.29
CA ALA C 134 15.34 15.36 -27.57
C ALA C 134 15.66 15.18 -26.08
N TYR C 135 16.88 14.70 -25.80
CA TYR C 135 17.33 14.55 -24.41
C TYR C 135 17.24 15.87 -23.66
N HIS C 136 17.81 16.93 -24.20
CA HIS C 136 17.83 18.19 -23.48
C HIS C 136 16.44 18.83 -23.42
N ARG C 137 15.60 18.65 -24.45
CA ARG C 137 14.23 19.15 -24.35
C ARG C 137 13.46 18.46 -23.21
N TYR C 138 13.56 17.13 -23.14
CA TYR C 138 12.79 16.37 -22.16
C TYR C 138 13.25 16.65 -20.73
N HIS C 139 14.56 16.83 -20.53
CA HIS C 139 15.03 17.14 -19.18
C HIS C 139 14.65 18.56 -18.78
N LEU C 140 14.61 19.50 -19.73
CA LEU C 140 14.11 20.84 -19.41
C LEU C 140 12.62 20.83 -19.10
N TYR C 141 11.85 20.00 -19.82
CA TYR C 141 10.44 19.81 -19.46
C TYR C 141 10.30 19.30 -18.03
N GLY C 142 11.11 18.30 -17.67
CA GLY C 142 11.11 17.79 -16.31
C GLY C 142 11.42 18.86 -15.28
N ALA C 143 12.48 19.65 -15.54
CA ALA C 143 12.84 20.74 -14.61
C ALA C 143 11.68 21.71 -14.41
N LYS C 144 10.99 22.08 -15.49
CA LYS C 144 9.88 23.04 -15.39
C LYS C 144 8.69 22.43 -14.65
N GLN C 145 8.42 21.15 -14.89
CA GLN C 145 7.37 20.46 -14.15
C GLN C 145 7.72 20.42 -12.66
N PHE C 146 9.00 20.24 -12.34
CA PHE C 146 9.39 20.28 -10.93
C PHE C 146 9.24 21.70 -10.36
N GLU C 147 9.64 22.73 -11.12
CA GLU C 147 9.50 24.10 -10.59
C GLU C 147 8.04 24.46 -10.35
N ALA C 148 7.15 24.07 -11.27
CA ALA C 148 5.74 24.39 -11.11
C ALA C 148 5.19 23.74 -9.85
N TYR C 149 5.48 22.44 -9.64
CA TYR C 149 4.94 21.75 -8.48
C TYR C 149 5.51 22.33 -7.19
N ALA C 150 6.84 22.52 -7.14
CA ALA C 150 7.48 23.00 -5.93
C ALA C 150 7.00 24.40 -5.52
N ARG C 151 6.92 25.33 -6.48
CA ARG C 151 6.51 26.70 -6.16
C ARG C 151 5.07 26.79 -5.67
N LYS C 152 4.24 25.82 -6.00
CA LYS C 152 2.85 25.83 -5.55
C LYS C 152 2.65 25.02 -4.26
N HIS C 153 3.36 23.90 -4.11
CA HIS C 153 3.14 23.02 -2.98
C HIS C 153 4.32 22.87 -2.02
N LEU C 154 5.55 23.23 -2.40
CA LEU C 154 6.68 22.87 -1.56
C LEU C 154 7.47 24.08 -1.07
N THR C 155 6.82 25.23 -0.89
CA THR C 155 7.59 26.42 -0.52
C THR C 155 7.99 26.45 0.95
N HIS C 156 7.33 25.67 1.80
CA HIS C 156 7.74 25.42 3.19
C HIS C 156 8.97 24.53 3.31
N LEU C 157 9.50 24.03 2.22
CA LEU C 157 10.59 23.08 2.23
C LEU C 157 11.73 23.48 1.29
N PHE C 158 11.42 24.00 0.11
CA PHE C 158 12.41 24.50 -0.81
C PHE C 158 12.41 26.03 -0.74
N SER C 159 13.55 26.62 -0.38
CA SER C 159 13.70 28.04 -0.60
C SER C 159 13.70 28.32 -2.12
N GLU C 160 13.40 29.57 -2.48
CA GLU C 160 13.39 29.93 -3.89
C GLU C 160 14.74 29.63 -4.56
N LYS C 161 15.86 29.89 -3.85
CA LYS C 161 17.16 29.52 -4.40
C LYS C 161 17.35 28.00 -4.47
N GLU C 162 16.67 27.22 -3.61
CA GLU C 162 16.78 25.77 -3.74
C GLU C 162 15.99 25.23 -4.94
N ILE C 163 14.79 25.79 -5.20
CA ILE C 163 14.04 25.35 -6.37
C ILE C 163 14.84 25.59 -7.65
N VAL C 164 15.56 26.72 -7.73
CA VAL C 164 16.40 26.99 -8.91
C VAL C 164 17.51 25.95 -9.02
N LEU C 165 18.19 25.64 -7.90
CA LEU C 165 19.30 24.70 -7.95
C LEU C 165 18.85 23.29 -8.34
N TYR C 166 17.74 22.83 -7.78
CA TYR C 166 17.32 21.48 -8.08
C TYR C 166 16.73 21.39 -9.48
N SER C 167 16.06 22.46 -9.93
CA SER C 167 15.62 22.52 -11.31
C SER C 167 16.81 22.39 -12.25
N ARG C 168 17.88 23.12 -11.95
CA ARG C 168 19.10 23.04 -12.75
C ARG C 168 19.66 21.62 -12.79
N CYS C 169 19.53 20.87 -11.68
CA CYS C 169 19.99 19.47 -11.68
C CYS C 169 19.20 18.66 -12.68
N ILE C 170 17.87 18.80 -12.66
CA ILE C 170 17.03 18.02 -13.57
C ILE C 170 17.28 18.43 -15.03
N GLU C 171 17.46 19.73 -15.29
CA GLU C 171 17.66 20.21 -16.65
C GLU C 171 18.90 19.60 -17.30
N ASP C 172 20.01 19.52 -16.57
CA ASP C 172 21.24 18.95 -17.14
C ASP C 172 21.60 19.63 -18.46
N ARG C 173 21.68 20.96 -18.40
CA ARG C 173 22.02 21.76 -19.57
C ARG C 173 23.36 21.34 -20.16
N ILE C 174 23.51 21.52 -21.48
CA ILE C 174 24.83 21.33 -22.08
C ILE C 174 25.80 22.33 -21.48
N GLY C 175 27.01 21.87 -21.20
CA GLY C 175 27.98 22.64 -20.48
C GLY C 175 28.06 22.26 -19.01
N ASP C 176 26.94 21.87 -18.41
CA ASP C 176 26.93 21.42 -17.01
C ASP C 176 27.64 20.08 -16.87
N ARG C 177 28.45 19.98 -15.83
CA ARG C 177 29.22 18.77 -15.60
C ARG C 177 28.47 17.84 -14.67
N PHE C 178 28.87 16.57 -14.70
CA PHE C 178 28.40 15.56 -13.76
C PHE C 178 28.36 16.09 -12.34
N ASP C 179 29.39 16.84 -11.95
CA ASP C 179 29.68 17.10 -10.54
C ASP C 179 29.67 18.59 -10.21
N GLU C 180 28.73 19.34 -10.78
CA GLU C 180 28.62 20.75 -10.42
C GLU C 180 28.24 20.93 -8.95
N THR C 181 27.32 20.11 -8.44
CA THR C 181 26.89 20.16 -7.05
C THR C 181 26.87 18.75 -6.52
N ALA C 182 27.06 18.60 -5.20
CA ALA C 182 27.01 17.26 -4.60
C ALA C 182 25.65 16.59 -4.83
N GLU C 183 24.55 17.34 -4.67
CA GLU C 183 23.23 16.76 -4.90
C GLU C 183 23.08 16.23 -6.32
N GLY C 184 23.42 17.07 -7.32
CA GLY C 184 23.26 16.66 -8.71
C GLY C 184 24.15 15.50 -9.08
N TYR C 185 25.40 15.54 -8.62
CA TYR C 185 26.28 14.38 -8.68
C TYR C 185 25.57 13.11 -8.28
N LEU C 186 24.93 13.13 -7.10
CA LEU C 186 24.29 11.94 -6.57
C LEU C 186 23.09 11.53 -7.44
N ILE C 187 22.35 12.52 -7.95
CA ILE C 187 21.24 12.23 -8.86
C ILE C 187 21.75 11.52 -10.12
N HIS C 188 22.80 12.06 -10.73
CA HIS C 188 23.36 11.45 -11.94
C HIS C 188 23.87 10.05 -11.67
N LEU C 189 24.50 9.83 -10.51
CA LEU C 189 25.00 8.50 -10.17
C LEU C 189 23.85 7.51 -10.01
N SER C 190 22.78 7.89 -9.32
CA SER C 190 21.64 6.98 -9.19
C SER C 190 21.04 6.65 -10.57
N HIS C 191 20.94 7.65 -11.47
CA HIS C 191 20.50 7.34 -12.83
C HIS C 191 21.45 6.39 -13.52
N MET C 192 22.76 6.64 -13.37
CA MET C 192 23.76 5.81 -14.04
C MET C 192 23.59 4.35 -13.65
N ILE C 193 23.40 4.08 -12.36
CA ILE C 193 23.30 2.73 -11.83
C ILE C 193 22.17 1.95 -12.50
N ASP C 194 20.99 2.58 -12.69
CA ASP C 194 19.86 1.90 -13.32
C ASP C 194 20.13 1.53 -14.77
N LEU C 195 21.15 2.12 -15.41
CA LEU C 195 21.45 1.78 -16.80
C LEU C 195 21.93 0.34 -16.96
N MET C 196 22.30 -0.33 -15.88
CA MET C 196 22.71 -1.73 -16.00
C MET C 196 21.57 -2.63 -16.46
N ARG C 197 20.33 -2.17 -16.36
CA ARG C 197 19.20 -3.00 -16.77
C ARG C 197 19.08 -3.14 -18.27
N CYS C 198 19.75 -2.28 -19.04
CA CYS C 198 19.54 -2.26 -20.48
C CYS C 198 20.78 -1.96 -21.29
N LYS C 199 21.96 -1.81 -20.67
CA LYS C 199 23.19 -1.51 -21.39
C LYS C 199 24.02 -2.79 -21.59
N SER C 200 24.92 -2.72 -22.54
CA SER C 200 25.75 -3.87 -22.89
C SER C 200 26.86 -4.08 -21.86
N PRO C 201 27.42 -5.29 -21.83
CA PRO C 201 28.55 -5.55 -20.93
C PRO C 201 29.70 -4.59 -21.09
N VAL C 202 29.89 -4.02 -22.28
CA VAL C 202 31.03 -3.13 -22.48
C VAL C 202 30.83 -1.82 -21.73
N GLU C 203 29.62 -1.25 -21.81
CA GLU C 203 29.32 -0.04 -21.05
C GLU C 203 29.29 -0.31 -19.55
N VAL C 204 28.77 -1.47 -19.15
CA VAL C 204 28.66 -1.73 -17.73
C VAL C 204 30.03 -1.97 -17.10
N PHE C 205 30.90 -2.75 -17.75
CA PHE C 205 32.11 -3.18 -17.06
C PHE C 205 33.43 -2.67 -17.63
N ILE C 206 33.51 -2.36 -18.93
CA ILE C 206 34.78 -1.99 -19.55
C ILE C 206 34.83 -0.51 -19.91
N GLY C 207 33.73 0.05 -20.39
CA GLY C 207 33.73 1.43 -20.83
C GLY C 207 33.57 1.61 -22.33
N HIS C 208 32.52 2.35 -22.71
CA HIS C 208 32.25 2.89 -24.05
C HIS C 208 33.50 3.03 -24.92
N SER C 209 34.47 3.80 -24.40
CA SER C 209 35.67 4.17 -25.14
C SER C 209 36.89 4.00 -24.22
N ARG C 210 38.05 4.45 -24.69
CA ARG C 210 39.25 4.33 -23.88
C ARG C 210 39.17 5.28 -22.68
N GLY C 211 38.49 6.41 -22.86
CA GLY C 211 38.37 7.44 -21.81
C GLY C 211 37.47 7.06 -20.65
N VAL C 212 36.16 6.91 -20.92
CA VAL C 212 35.20 6.71 -19.83
C VAL C 212 35.46 5.41 -19.09
N SER C 213 35.11 5.39 -17.80
CA SER C 213 35.37 4.24 -16.95
C SER C 213 34.35 3.12 -17.13
N GLY C 214 33.09 3.43 -17.40
CA GLY C 214 32.07 2.39 -17.34
C GLY C 214 31.42 2.31 -15.98
N ILE C 215 30.25 1.67 -15.94
CA ILE C 215 29.30 1.90 -14.87
C ILE C 215 29.81 1.30 -13.56
N VAL C 216 30.06 -0.01 -13.55
CA VAL C 216 30.54 -0.69 -12.36
C VAL C 216 31.95 -0.21 -11.98
N PRO C 217 32.89 -0.06 -12.93
CA PRO C 217 34.19 0.54 -12.54
C PRO C 217 34.07 1.91 -11.90
N THR C 218 33.12 2.75 -12.34
CA THR C 218 32.91 4.05 -11.70
C THR C 218 32.41 3.88 -10.27
N LEU C 219 31.47 2.95 -10.04
CA LEU C 219 31.07 2.61 -8.67
C LEU C 219 32.27 2.18 -7.84
N ILE C 220 33.11 1.31 -8.41
CA ILE C 220 34.23 0.74 -7.66
C ILE C 220 35.25 1.81 -7.30
N GLN C 221 35.51 2.76 -8.20
CA GLN C 221 36.55 3.72 -7.87
C GLN C 221 36.04 4.83 -6.98
N LEU C 222 34.72 4.94 -6.80
CA LEU C 222 34.16 5.91 -5.85
C LEU C 222 33.94 5.35 -4.47
N PHE C 223 33.59 4.08 -4.37
CA PHE C 223 33.21 3.47 -3.12
C PHE C 223 34.08 2.28 -2.73
N GLY C 224 35.14 1.99 -3.48
CA GLY C 224 35.91 0.79 -3.27
C GLY C 224 35.28 -0.41 -3.97
N ARG C 225 36.09 -1.46 -4.11
CA ARG C 225 35.61 -2.64 -4.81
C ARG C 225 34.46 -3.31 -4.05
N GLU C 226 34.51 -3.30 -2.73
CA GLU C 226 33.56 -4.08 -1.96
C GLU C 226 32.22 -3.36 -1.83
N ASP C 227 32.25 -2.10 -1.40
CA ASP C 227 31.03 -1.29 -1.40
C ASP C 227 30.47 -1.18 -2.81
N GLY C 228 31.33 -0.86 -3.78
CA GLY C 228 30.91 -0.80 -5.16
C GLY C 228 30.15 -2.03 -5.64
N LEU C 229 30.70 -3.22 -5.39
CA LEU C 229 30.03 -4.44 -5.84
C LEU C 229 28.71 -4.65 -5.11
N ASP C 230 28.65 -4.32 -3.81
CA ASP C 230 27.39 -4.42 -3.07
C ASP C 230 26.31 -3.54 -3.70
N ILE C 231 26.66 -2.31 -4.06
CA ILE C 231 25.72 -1.41 -4.75
C ILE C 231 25.23 -2.06 -6.05
N MET C 232 26.15 -2.65 -6.83
CA MET C 232 25.76 -3.31 -8.07
C MET C 232 24.76 -4.43 -7.83
N HIS C 233 25.07 -5.31 -6.87
CA HIS C 233 24.17 -6.43 -6.58
C HIS C 233 22.84 -5.95 -6.03
N TYR C 234 22.88 -4.87 -5.25
CA TYR C 234 21.65 -4.29 -4.75
C TYR C 234 20.78 -3.81 -5.91
N ALA C 235 21.36 -3.06 -6.85
CA ALA C 235 20.59 -2.60 -8.00
C ALA C 235 20.02 -3.77 -8.79
N ARG C 236 20.86 -4.79 -9.05
CA ARG C 236 20.38 -5.99 -9.74
C ARG C 236 19.19 -6.60 -9.03
N SER C 237 19.22 -6.60 -7.69
CA SER C 237 18.13 -7.20 -6.92
C SER C 237 16.88 -6.33 -6.97
N LEU C 238 17.05 -5.02 -7.16
CA LEU C 238 15.89 -4.15 -7.33
C LEU C 238 15.23 -4.35 -8.70
N PHE C 239 16.03 -4.63 -9.75
CA PHE C 239 15.45 -5.03 -11.05
C PHE C 239 14.52 -6.22 -10.88
N ALA C 240 14.98 -7.26 -10.17
CA ALA C 240 14.15 -8.43 -9.96
C ALA C 240 12.91 -8.12 -9.13
N ALA C 241 13.02 -7.19 -8.18
CA ALA C 241 11.87 -6.90 -7.33
C ALA C 241 10.78 -6.17 -8.12
N THR C 242 11.15 -5.41 -9.14
CA THR C 242 10.16 -4.75 -9.99
C THR C 242 9.94 -5.50 -11.30
N GLY C 243 10.43 -6.74 -11.40
CA GLY C 243 10.02 -7.63 -12.47
C GLY C 243 10.79 -7.48 -13.76
N GLU C 244 11.97 -6.89 -13.70
CA GLU C 244 12.74 -6.60 -14.89
C GLU C 244 13.82 -7.64 -15.08
N ALA C 245 14.05 -8.00 -16.33
CA ALA C 245 15.13 -8.90 -16.69
C ALA C 245 16.42 -8.46 -16.04
N VAL C 246 17.14 -9.42 -15.48
CA VAL C 246 18.45 -9.16 -14.90
C VAL C 246 19.48 -9.85 -15.78
N PRO C 247 20.35 -9.12 -16.44
CA PRO C 247 21.33 -9.76 -17.32
C PRO C 247 22.32 -10.57 -16.53
N TYR C 248 22.76 -11.68 -17.13
CA TYR C 248 23.85 -12.44 -16.53
C TYR C 248 25.15 -11.63 -16.62
N ILE C 249 26.14 -12.03 -15.82
CA ILE C 249 27.48 -11.46 -15.85
C ILE C 249 28.49 -12.58 -16.01
N SER C 250 29.35 -12.47 -17.01
CA SER C 250 30.39 -13.48 -17.22
C SER C 250 31.69 -12.77 -17.60
N SER C 251 32.55 -12.57 -16.60
CA SER C 251 33.84 -11.93 -16.84
C SER C 251 34.73 -12.74 -17.77
N SER C 252 34.44 -14.04 -17.93
CA SER C 252 35.17 -14.85 -18.89
C SER C 252 34.93 -14.36 -20.33
N GLU C 253 33.69 -13.97 -20.64
CA GLU C 253 33.32 -13.54 -21.98
C GLU C 253 33.94 -12.21 -22.41
N TRP C 254 34.59 -11.47 -21.52
CA TRP C 254 34.94 -10.10 -21.88
C TRP C 254 36.09 -10.00 -22.88
N PRO C 255 37.08 -10.91 -22.86
CA PRO C 255 38.05 -10.92 -23.97
C PRO C 255 37.42 -11.26 -25.31
N HIS C 256 36.30 -11.98 -25.31
CA HIS C 256 35.63 -12.41 -26.54
C HIS C 256 34.59 -11.39 -27.01
N LEU C 257 34.74 -10.11 -26.66
CA LEU C 257 33.80 -9.08 -27.08
C LEU C 257 34.38 -8.19 -28.18
N GLY C 258 35.57 -8.51 -28.67
CA GLY C 258 36.11 -7.81 -29.81
C GLY C 258 36.69 -6.44 -29.51
N ILE C 259 37.09 -6.19 -28.27
CA ILE C 259 37.77 -4.94 -27.94
C ILE C 259 39.15 -5.27 -27.40
N GLU C 260 40.06 -4.32 -27.54
CA GLU C 260 41.49 -4.52 -27.33
C GLU C 260 41.76 -5.31 -26.05
N SER C 261 42.83 -6.11 -26.09
CA SER C 261 43.38 -6.65 -24.85
C SER C 261 43.74 -5.54 -23.89
N ASP C 262 44.05 -4.35 -24.40
CA ASP C 262 44.36 -3.19 -23.56
C ASP C 262 43.20 -2.98 -22.58
N ARG C 263 42.02 -2.65 -23.10
CA ARG C 263 40.91 -2.21 -22.26
C ARG C 263 40.29 -3.33 -21.43
N VAL C 264 40.23 -4.55 -21.96
CA VAL C 264 39.53 -5.61 -21.24
C VAL C 264 40.29 -5.99 -19.98
N GLU C 265 41.62 -6.08 -20.05
CA GLU C 265 42.39 -6.51 -18.90
C GLU C 265 42.25 -5.54 -17.74
N ARG C 266 42.35 -4.24 -18.00
CA ARG C 266 42.21 -3.26 -16.93
C ARG C 266 40.85 -3.35 -16.24
N ALA C 267 39.81 -3.67 -17.00
CA ALA C 267 38.47 -3.80 -16.42
C ALA C 267 38.35 -5.00 -15.52
N LEU C 268 39.21 -6.02 -15.68
CA LEU C 268 39.11 -7.19 -14.82
C LEU C 268 40.01 -7.13 -13.60
N LYS C 269 40.91 -6.16 -13.51
CA LYS C 269 41.58 -5.99 -12.24
C LYS C 269 40.83 -5.00 -11.35
N ILE C 270 40.21 -3.97 -11.93
CA ILE C 270 39.31 -3.11 -11.17
C ILE C 270 38.16 -3.93 -10.57
N VAL C 271 37.41 -4.61 -11.44
CA VAL C 271 36.20 -5.31 -11.05
C VAL C 271 36.51 -6.67 -10.43
N GLY C 272 37.61 -7.29 -10.84
CA GLY C 272 37.84 -8.69 -10.52
C GLY C 272 36.92 -9.58 -11.32
N SER C 273 37.11 -10.89 -11.25
CA SER C 273 36.27 -11.78 -12.04
C SER C 273 34.86 -11.79 -11.47
N LEU C 274 33.90 -12.15 -12.33
CA LEU C 274 32.50 -12.08 -11.94
C LEU C 274 31.68 -13.01 -12.81
N GLU C 275 30.95 -13.93 -12.18
CA GLU C 275 30.05 -14.84 -12.90
C GLU C 275 28.75 -14.92 -12.11
N VAL C 276 27.73 -14.19 -12.57
CA VAL C 276 26.42 -14.14 -11.93
C VAL C 276 25.39 -14.51 -12.97
N GLU C 277 24.45 -15.37 -12.60
CA GLU C 277 23.48 -15.79 -13.60
C GLU C 277 22.37 -14.76 -13.73
N GLY C 278 21.80 -14.69 -14.93
CA GLY C 278 20.73 -13.75 -15.18
C GLY C 278 19.42 -14.28 -14.67
N GLN C 279 18.38 -13.53 -14.95
CA GLN C 279 17.04 -13.92 -14.53
C GLN C 279 16.08 -13.30 -15.53
N GLU C 280 15.02 -14.03 -15.85
CA GLU C 280 14.11 -13.48 -16.84
C GLU C 280 13.27 -12.38 -16.20
N ALA C 281 12.53 -11.68 -17.05
CA ALA C 281 11.57 -10.69 -16.58
C ALA C 281 10.35 -11.41 -16.01
N ASP C 282 9.66 -10.74 -15.10
CA ASP C 282 8.42 -11.25 -14.54
C ASP C 282 7.33 -10.23 -14.76
N ALA C 283 6.21 -10.67 -15.35
CA ALA C 283 5.19 -9.71 -15.76
C ALA C 283 4.33 -9.27 -14.59
N LYS C 284 3.98 -10.18 -13.67
CA LYS C 284 3.22 -9.77 -12.50
C LYS C 284 3.97 -8.68 -11.72
N LYS C 285 5.23 -8.95 -11.37
CA LYS C 285 6.01 -7.97 -10.63
C LYS C 285 6.17 -6.66 -11.43
N THR C 286 6.25 -6.76 -12.76
CA THR C 286 6.41 -5.54 -13.57
C THR C 286 5.16 -4.68 -13.52
N ALA C 287 3.99 -5.30 -13.63
CA ALA C 287 2.75 -4.53 -13.54
C ALA C 287 2.56 -3.97 -12.15
N GLN C 288 2.87 -4.75 -11.11
CA GLN C 288 2.67 -4.30 -9.74
C GLN C 288 3.55 -3.10 -9.41
N ALA C 289 4.76 -3.07 -9.96
CA ALA C 289 5.66 -1.94 -9.75
C ALA C 289 5.34 -0.74 -10.64
N GLY C 290 4.54 -0.93 -11.69
CA GLY C 290 4.34 0.11 -12.69
C GLY C 290 3.08 0.94 -12.57
N PHE C 291 2.02 0.40 -11.96
CA PHE C 291 0.72 1.07 -11.95
C PHE C 291 0.35 1.79 -10.64
N SER C 292 1.20 1.79 -9.62
CA SER C 292 0.87 2.56 -8.41
C SER C 292 2.11 2.76 -7.57
N VAL C 293 2.13 3.89 -6.85
CA VAL C 293 3.24 4.18 -5.96
C VAL C 293 3.30 3.14 -4.84
N ASP C 294 2.15 2.78 -4.26
CA ASP C 294 2.07 1.78 -3.21
C ASP C 294 2.63 0.44 -3.67
N GLY C 295 2.22 -0.01 -4.86
CA GLY C 295 2.75 -1.25 -5.39
C GLY C 295 4.26 -1.20 -5.61
N CYS C 296 4.76 -0.10 -6.15
CA CYS C 296 6.19 -0.05 -6.42
C CYS C 296 6.99 0.10 -5.12
N TYR C 297 6.57 1.03 -4.26
CA TYR C 297 7.23 1.22 -2.97
C TYR C 297 7.17 -0.04 -2.10
N GLY C 298 5.98 -0.62 -1.96
CA GLY C 298 5.86 -1.84 -1.18
C GLY C 298 6.79 -2.94 -1.67
N ALA C 299 6.96 -3.05 -2.98
CA ALA C 299 7.89 -4.07 -3.49
C ALA C 299 9.33 -3.76 -3.14
N LEU C 300 9.70 -2.47 -3.07
CA LEU C 300 11.10 -2.12 -2.93
C LEU C 300 11.58 -2.03 -1.46
N VAL C 301 10.70 -1.66 -0.52
CA VAL C 301 11.11 -1.56 0.88
C VAL C 301 11.55 -2.93 1.42
N LYS C 302 11.02 -4.02 0.83
CA LYS C 302 11.26 -5.38 1.31
C LYS C 302 12.70 -5.84 1.08
N ILE C 303 13.36 -5.28 0.10
CA ILE C 303 14.58 -5.88 -0.42
C ILE C 303 15.75 -5.61 0.52
N ASP C 304 16.55 -6.65 0.77
CA ASP C 304 17.71 -6.53 1.65
C ASP C 304 18.73 -5.56 1.06
N THR C 305 19.33 -4.80 1.93
CA THR C 305 20.51 -4.02 1.64
C THR C 305 21.74 -4.79 2.10
N PRO C 306 22.94 -4.34 1.76
CA PRO C 306 24.11 -4.80 2.50
C PRO C 306 23.98 -4.38 3.96
N ASP C 307 24.56 -5.20 4.85
CA ASP C 307 24.47 -4.90 6.29
C ASP C 307 25.04 -3.53 6.63
N TRP C 308 26.05 -3.08 5.88
CA TRP C 308 26.67 -1.79 6.21
C TRP C 308 25.75 -0.59 5.96
N TYR C 309 24.67 -0.74 5.19
CA TYR C 309 23.69 0.33 5.15
C TYR C 309 23.14 0.63 6.55
N HIS C 310 22.92 -0.41 7.36
CA HIS C 310 22.26 -0.23 8.66
C HIS C 310 23.20 0.27 9.74
N GLN C 311 24.44 -0.21 9.78
CA GLN C 311 25.40 0.32 10.73
C GLN C 311 25.71 1.79 10.41
N VAL C 312 25.78 2.61 11.45
CA VAL C 312 26.27 3.99 11.26
C VAL C 312 27.37 4.21 12.29
#